data_8J7M
#
_entry.id   8J7M
#
_cell.length_a   1.00
_cell.length_b   1.00
_cell.length_c   1.00
_cell.angle_alpha   90.00
_cell.angle_beta   90.00
_cell.angle_gamma   90.00
#
_symmetry.space_group_name_H-M   'P 1'
#
loop_
_entity.id
_entity.type
_entity.pdbx_description
1 polymer 'ion channel,Voltage dependent ion channel,Green fluorescent protein (Fragment),Voltage dependent ion channel,Green fluorescent protein (Fragment),Voltage dependent ion channel,Green fluorescent protein (Fragment)'
2 non-polymer '(2S)-3-(hexadecanoyloxy)-2-[(9Z)-octadec-9-enoyloxy]propyl 2-(trimethylammonio)ethyl phosphate'
3 non-polymer CHOLESTEROL
#
_entity_poly.entity_id   1
_entity_poly.type   'polypeptide(L)'
_entity_poly.pdbx_seq_one_letter_code
;MEAAAAHKAQHRTAENSMDSLEDSTHETDAGERAQAGSTKLAWTDVVAPPPRKVVFWLPHQRKVFDFYASQGVQYFTAFL
IVSNFIFNCAEKEWDPYTDQLYQGLWRWGEFAFNTMFLIELLINFYGIAFCFWRYNWAWNTFDLVVVAIGTLTMAEAIGG
NFMPPSMALIRNLRAFRIFRLFKRIKSLNKIIVSLGKAIPGVANAFVIMVIIMCIYAILGVEFYHMTGSDGTYVTYNDNV
KRGLCTGDEVELGQCSLNQTVSSETARGYTYGEEYYGTFFRALYTLFQVLTGESWSEAVARPAVFESHYDSFGPVLFYVS
FIIICQIVLINVVVAVLLDKMVEEDDSEDPEKQTVAEKLSEMLSQEHAQLREIFRTWDEDNSGTISIKEWRKAVKSMGYR
GPIDVLDQIFASMDKDHSGELDYAEIDRMLSPTAARERRSSTHANPKRSVKEEVVAMRAEFTDHVARLETQIAALVLELQ
LQRKPCGAEAPAPAHSRLAHDSDGAPTEPPPPAAPDHHHLEDDEDTTQRVAAALEVLFQGPSKGEELFTGVVPILVELDG
DVNGHKFSVRGEGEGDATNGKLTLKFICTTGKLPVPWPTLVTTLTYGVQCFSRYPDHMKRHDFFKSAMPEGYVQERTISF
KDDGTYKTRAEVKFEGDTLVNRIELKGIDFKEDGNILGHKLEYNFNSHNVYITADKQKNGIKANFKIRHNVEDGSVQLAD
HYQQNTPIGDGPVLLPDNHYLSTQSVLSKDPNEKRDHMVLLEFVTAAGITHGMDEWSHPQFEKGGGSGGGSGGSAWSHPQ
FEK
;
_entity_poly.pdbx_strand_id   A,D,B,C
#
# COMPACT_ATOMS: atom_id res chain seq x y z
N PRO A 49 9.87 19.32 -31.95
CA PRO A 49 9.30 20.67 -31.96
C PRO A 49 9.92 21.55 -33.05
N PRO A 50 9.10 22.39 -33.67
CA PRO A 50 9.62 23.25 -34.73
C PRO A 50 10.08 24.59 -34.18
N PRO A 51 11.23 25.07 -34.60
CA PRO A 51 11.67 26.42 -34.23
C PRO A 51 11.01 27.46 -35.11
N ARG A 52 10.07 28.22 -34.54
CA ARG A 52 9.33 29.20 -35.33
C ARG A 52 9.57 30.64 -34.90
N LYS A 53 9.81 30.88 -33.62
CA LYS A 53 10.01 32.25 -33.16
C LYS A 53 11.47 32.67 -33.16
N VAL A 54 12.41 31.72 -33.25
CA VAL A 54 13.84 32.02 -33.10
C VAL A 54 14.37 32.36 -34.49
N VAL A 55 14.23 33.63 -34.88
CA VAL A 55 14.79 34.07 -36.15
C VAL A 55 16.30 34.18 -36.03
N PHE A 56 16.98 34.15 -37.17
CA PHE A 56 18.42 33.91 -37.24
C PHE A 56 19.18 35.21 -37.44
N TRP A 57 19.79 35.70 -36.35
CA TRP A 57 20.71 36.84 -36.41
C TRP A 57 22.15 36.40 -36.61
N LEU A 58 22.52 35.26 -36.05
CA LEU A 58 23.89 34.80 -35.99
C LEU A 58 24.32 34.19 -37.32
N PRO A 59 25.62 34.20 -37.61
CA PRO A 59 26.08 33.76 -38.94
C PRO A 59 25.74 32.31 -39.26
N HIS A 60 26.02 31.40 -38.33
CA HIS A 60 25.87 29.97 -38.60
C HIS A 60 24.79 29.32 -37.76
N GLN A 61 23.74 30.06 -37.44
CA GLN A 61 22.78 29.58 -36.46
C GLN A 61 22.01 28.32 -36.83
N ARG A 62 21.50 28.26 -38.06
CA ARG A 62 20.71 27.10 -38.46
C ARG A 62 21.53 25.82 -38.46
N LYS A 63 22.85 25.94 -38.66
CA LYS A 63 23.70 24.76 -38.68
C LYS A 63 24.00 24.27 -37.27
N VAL A 64 24.51 25.16 -36.42
CA VAL A 64 24.84 24.80 -35.05
C VAL A 64 23.60 24.36 -34.28
N PHE A 65 22.44 24.96 -34.58
CA PHE A 65 21.22 24.61 -33.86
C PHE A 65 20.87 23.14 -34.10
N ASP A 66 20.63 22.77 -35.36
CA ASP A 66 20.29 21.38 -35.65
C ASP A 66 21.48 20.45 -35.44
N PHE A 67 22.69 20.97 -35.25
CA PHE A 67 23.76 20.11 -34.76
C PHE A 67 23.55 19.75 -33.31
N TYR A 68 23.24 20.74 -32.47
CA TYR A 68 23.01 20.44 -31.06
C TYR A 68 21.79 19.57 -30.86
N ALA A 69 20.71 19.87 -31.57
CA ALA A 69 19.47 19.12 -31.37
C ALA A 69 19.50 17.73 -31.96
N SER A 70 20.58 17.34 -32.63
CA SER A 70 20.66 16.01 -33.20
C SER A 70 20.72 14.98 -32.08
N GLN A 71 20.19 13.78 -32.38
CA GLN A 71 20.09 12.75 -31.36
C GLN A 71 21.46 12.28 -30.88
N GLY A 72 22.47 12.38 -31.74
CA GLY A 72 23.81 12.02 -31.31
C GLY A 72 24.32 12.91 -30.19
N VAL A 73 24.17 14.22 -30.35
CA VAL A 73 24.61 15.15 -29.31
C VAL A 73 23.75 15.02 -28.07
N GLN A 74 22.46 14.73 -28.24
CA GLN A 74 21.60 14.51 -27.08
C GLN A 74 22.08 13.32 -26.27
N TYR A 75 22.45 12.23 -26.93
CA TYR A 75 22.89 11.06 -26.17
C TYR A 75 24.30 11.23 -25.63
N PHE A 76 25.15 12.02 -26.29
CA PHE A 76 26.45 12.32 -25.70
C PHE A 76 26.30 13.18 -24.45
N THR A 77 25.39 14.16 -24.48
CA THR A 77 25.17 14.97 -23.29
C THR A 77 24.46 14.18 -22.20
N ALA A 78 23.64 13.20 -22.57
CA ALA A 78 23.10 12.29 -21.57
C ALA A 78 24.21 11.47 -20.94
N PHE A 79 25.20 11.08 -21.74
CA PHE A 79 26.36 10.41 -21.18
C PHE A 79 27.08 11.30 -20.18
N LEU A 80 27.28 12.57 -20.53
CA LEU A 80 27.98 13.48 -19.61
C LEU A 80 27.17 13.72 -18.34
N ILE A 81 25.85 13.81 -18.47
CA ILE A 81 25.00 14.02 -17.29
C ILE A 81 25.09 12.82 -16.36
N VAL A 82 24.97 11.61 -16.91
CA VAL A 82 25.00 10.43 -16.05
C VAL A 82 26.38 10.24 -15.43
N SER A 83 27.44 10.51 -16.20
CA SER A 83 28.77 10.39 -15.62
C SER A 83 29.03 11.43 -14.54
N ASN A 84 28.49 12.64 -14.68
CA ASN A 84 28.69 13.62 -13.62
C ASN A 84 27.88 13.27 -12.38
N PHE A 85 26.68 12.71 -12.56
CA PHE A 85 25.93 12.24 -11.40
C PHE A 85 26.67 11.11 -10.70
N ILE A 86 27.25 10.19 -11.47
CA ILE A 86 28.02 9.11 -10.86
C ILE A 86 29.29 9.65 -10.22
N PHE A 87 29.81 10.78 -10.71
CA PHE A 87 30.95 11.39 -10.05
C PHE A 87 30.56 11.98 -8.71
N ASN A 88 29.38 12.58 -8.63
CA ASN A 88 28.88 13.08 -7.35
C ASN A 88 28.68 11.92 -6.36
N CYS A 89 28.06 10.83 -6.84
CA CYS A 89 27.86 9.67 -5.99
C CYS A 89 29.17 9.05 -5.54
N ALA A 90 30.16 9.03 -6.44
CA ALA A 90 31.47 8.50 -6.07
C ALA A 90 32.16 9.38 -5.04
N GLU A 91 31.99 10.70 -5.14
CA GLU A 91 32.55 11.56 -4.11
C GLU A 91 31.90 11.29 -2.77
N LYS A 92 30.58 11.09 -2.76
CA LYS A 92 29.89 10.88 -1.49
C LYS A 92 30.12 9.49 -0.92
N GLU A 93 30.51 8.52 -1.74
CA GLU A 93 30.75 7.18 -1.20
C GLU A 93 32.22 6.96 -0.84
N TRP A 94 33.14 7.30 -1.75
CA TRP A 94 34.55 7.02 -1.53
C TRP A 94 35.28 8.13 -0.80
N ASP A 95 34.61 9.24 -0.53
CA ASP A 95 35.25 10.34 0.17
C ASP A 95 34.20 11.28 0.76
N PRO A 96 33.41 10.84 1.75
CA PRO A 96 32.35 11.70 2.28
C PRO A 96 32.79 12.64 3.38
N TYR A 97 34.03 12.53 3.85
CA TYR A 97 34.46 13.26 5.02
C TYR A 97 34.50 14.76 4.75
N THR A 98 34.53 15.54 5.83
CA THR A 98 34.64 16.98 5.70
C THR A 98 36.05 17.39 5.30
N ASP A 99 37.05 16.68 5.80
CA ASP A 99 38.44 16.88 5.40
C ASP A 99 38.75 15.82 4.35
N GLN A 100 38.40 16.12 3.11
CA GLN A 100 38.45 15.13 2.04
C GLN A 100 39.88 14.68 1.77
N LEU A 101 40.02 13.41 1.39
CA LEU A 101 41.33 12.89 1.01
C LEU A 101 41.73 13.39 -0.37
N TYR A 102 40.92 13.03 -1.37
CA TYR A 102 41.23 13.31 -2.71
C TYR A 102 40.57 14.53 -3.11
N GLN A 103 40.52 15.49 -2.24
CA GLN A 103 39.93 16.76 -2.60
C GLN A 103 40.22 17.24 -3.99
N GLY A 104 41.43 17.53 -4.27
CA GLY A 104 41.78 18.02 -5.58
C GLY A 104 41.05 17.29 -6.69
N LEU A 105 40.89 15.97 -6.52
CA LEU A 105 40.21 15.18 -7.55
C LEU A 105 38.78 15.68 -7.75
N TRP A 106 38.01 15.77 -6.67
CA TRP A 106 36.62 16.20 -6.81
C TRP A 106 36.54 17.64 -7.27
N ARG A 107 37.44 18.50 -6.78
CA ARG A 107 37.41 19.90 -7.18
C ARG A 107 37.62 20.04 -8.69
N TRP A 108 38.71 19.47 -9.21
CA TRP A 108 38.99 19.60 -10.64
C TRP A 108 38.02 18.79 -11.48
N GLY A 109 37.47 17.70 -10.94
CA GLY A 109 36.50 16.93 -11.70
C GLY A 109 35.22 17.69 -11.93
N GLU A 110 34.69 18.30 -10.87
CA GLU A 110 33.50 19.12 -11.08
C GLU A 110 33.82 20.42 -11.80
N PHE A 111 35.05 20.91 -11.69
CA PHE A 111 35.50 22.00 -12.55
C PHE A 111 35.34 21.63 -14.01
N ALA A 112 35.89 20.47 -14.41
CA ALA A 112 35.84 20.05 -15.80
C ALA A 112 34.41 19.77 -16.25
N PHE A 113 33.62 19.10 -15.42
CA PHE A 113 32.23 18.84 -15.80
C PHE A 113 31.45 20.13 -15.95
N ASN A 114 31.69 21.10 -15.08
CA ASN A 114 30.94 22.34 -15.17
C ASN A 114 31.38 23.18 -16.37
N THR A 115 32.66 23.16 -16.73
CA THR A 115 33.05 23.92 -17.92
C THR A 115 32.53 23.23 -19.17
N MET A 116 32.46 21.90 -19.18
CA MET A 116 31.84 21.23 -20.31
C MET A 116 30.37 21.58 -20.42
N PHE A 117 29.67 21.67 -19.29
CA PHE A 117 28.25 22.04 -19.35
C PHE A 117 28.08 23.51 -19.72
N LEU A 118 29.02 24.37 -19.33
CA LEU A 118 28.99 25.76 -19.77
C LEU A 118 29.20 25.86 -21.28
N ILE A 119 30.13 25.07 -21.82
CA ILE A 119 30.33 25.04 -23.26
C ILE A 119 29.08 24.53 -23.97
N GLU A 120 28.43 23.52 -23.39
CA GLU A 120 27.22 22.99 -24.00
C GLU A 120 26.09 24.02 -23.99
N LEU A 121 25.94 24.74 -22.88
CA LEU A 121 24.91 25.77 -22.81
C LEU A 121 25.19 26.90 -23.78
N LEU A 122 26.47 27.25 -23.96
CA LEU A 122 26.80 28.26 -24.96
C LEU A 122 26.49 27.78 -26.37
N ILE A 123 26.80 26.51 -26.67
CA ILE A 123 26.44 25.94 -27.96
C ILE A 123 24.94 26.04 -28.18
N ASN A 124 24.16 25.65 -27.18
CA ASN A 124 22.70 25.71 -27.30
C ASN A 124 22.21 27.12 -27.55
N PHE A 125 22.65 28.08 -26.73
CA PHE A 125 22.13 29.43 -26.82
C PHE A 125 22.59 30.12 -28.09
N TYR A 126 23.81 29.84 -28.55
CA TYR A 126 24.20 30.24 -29.89
C TYR A 126 23.26 29.61 -30.91
N GLY A 127 22.82 28.39 -30.66
CA GLY A 127 21.91 27.73 -31.57
C GLY A 127 20.60 28.47 -31.76
N ILE A 128 20.03 28.99 -30.67
CA ILE A 128 18.75 29.69 -30.80
C ILE A 128 18.85 31.17 -30.42
N ALA A 129 20.00 31.80 -30.72
CA ALA A 129 20.16 33.25 -30.62
C ALA A 129 20.07 33.76 -29.19
N PHE A 130 20.57 32.98 -28.24
CA PHE A 130 20.69 33.38 -26.84
C PHE A 130 19.37 33.86 -26.26
N CYS A 131 18.25 33.56 -26.91
CA CYS A 131 16.95 34.00 -26.42
C CYS A 131 16.49 33.11 -25.27
N PHE A 132 16.38 31.81 -25.53
CA PHE A 132 15.99 30.77 -24.59
C PHE A 132 14.64 31.03 -23.92
N TRP A 133 13.87 31.95 -24.48
CA TRP A 133 12.52 32.14 -24.00
C TRP A 133 11.57 31.66 -25.11
N ARG A 134 12.02 31.71 -26.37
CA ARG A 134 11.19 31.28 -27.48
C ARG A 134 11.15 29.75 -27.58
N TYR A 135 12.32 29.13 -27.75
CA TYR A 135 12.41 27.70 -27.94
C TYR A 135 12.83 27.02 -26.65
N ASN A 136 12.03 26.05 -26.20
CA ASN A 136 12.36 25.20 -25.07
C ASN A 136 12.66 26.05 -23.83
N TRP A 137 11.71 26.91 -23.48
CA TRP A 137 11.99 27.91 -22.45
C TRP A 137 12.20 27.27 -21.09
N ALA A 138 11.47 26.21 -20.77
CA ALA A 138 11.56 25.61 -19.44
C ALA A 138 12.89 24.90 -19.24
N TRP A 139 13.27 24.05 -20.20
CA TRP A 139 14.51 23.32 -20.06
C TRP A 139 15.72 24.22 -20.23
N ASN A 140 15.63 25.22 -21.11
CA ASN A 140 16.71 26.19 -21.22
C ASN A 140 16.85 27.01 -19.94
N THR A 141 15.72 27.32 -19.28
CA THR A 141 15.80 28.02 -18.00
C THR A 141 16.46 27.16 -16.94
N PHE A 142 16.09 25.88 -16.85
CA PHE A 142 16.72 24.99 -15.89
C PHE A 142 18.21 24.85 -16.17
N ASP A 143 18.58 24.70 -17.44
CA ASP A 143 19.99 24.59 -17.81
C ASP A 143 20.74 25.84 -17.40
N LEU A 144 20.18 27.02 -17.69
CA LEU A 144 20.85 28.26 -17.30
C LEU A 144 21.01 28.35 -15.80
N VAL A 145 19.99 27.98 -15.05
CA VAL A 145 20.07 28.05 -13.59
C VAL A 145 21.21 27.17 -13.08
N VAL A 146 21.24 25.91 -13.49
CA VAL A 146 22.23 24.99 -12.94
C VAL A 146 23.63 25.40 -13.38
N VAL A 147 23.79 25.86 -14.62
CA VAL A 147 25.12 26.24 -15.08
C VAL A 147 25.58 27.52 -14.41
N ALA A 148 24.65 28.44 -14.12
CA ALA A 148 25.01 29.65 -13.39
C ALA A 148 25.50 29.31 -12.00
N ILE A 149 24.75 28.46 -11.28
CA ILE A 149 25.16 28.09 -9.94
C ILE A 149 26.52 27.39 -9.97
N GLY A 150 26.71 26.50 -10.94
CA GLY A 150 27.98 25.80 -11.05
C GLY A 150 29.14 26.74 -11.30
N THR A 151 28.98 27.67 -12.25
CA THR A 151 30.09 28.57 -12.56
C THR A 151 30.34 29.55 -11.43
N LEU A 152 29.31 29.89 -10.66
CA LEU A 152 29.51 30.70 -9.46
C LEU A 152 30.39 29.97 -8.45
N THR A 153 30.03 28.71 -8.17
CA THR A 153 30.86 27.91 -7.26
C THR A 153 32.27 27.71 -7.81
N MET A 154 32.41 27.58 -9.12
CA MET A 154 33.74 27.44 -9.71
C MET A 154 34.59 28.69 -9.46
N ALA A 155 34.04 29.85 -9.81
CA ALA A 155 34.78 31.10 -9.65
C ALA A 155 35.16 31.33 -8.19
N GLU A 156 34.25 31.01 -7.26
CA GLU A 156 34.60 31.21 -5.86
C GLU A 156 35.57 30.16 -5.34
N ALA A 157 35.52 28.92 -5.86
CA ALA A 157 36.39 27.87 -5.35
C ALA A 157 37.82 28.07 -5.84
N ILE A 158 38.01 28.69 -7.01
CA ILE A 158 39.37 28.94 -7.48
C ILE A 158 39.86 30.31 -7.07
N GLY A 159 38.99 31.32 -7.04
CA GLY A 159 39.43 32.67 -6.74
C GLY A 159 38.83 33.31 -5.50
N GLY A 160 38.65 32.54 -4.44
CA GLY A 160 38.21 33.10 -3.18
C GLY A 160 36.70 33.14 -3.04
N ASN A 161 36.23 32.87 -1.82
CA ASN A 161 34.80 32.78 -1.53
C ASN A 161 34.23 34.19 -1.43
N PHE A 162 33.62 34.66 -2.52
CA PHE A 162 32.98 35.98 -2.50
C PHE A 162 31.67 35.95 -1.74
N MET A 163 30.89 34.81 -1.85
CA MET A 163 29.57 34.76 -1.21
C MET A 163 29.69 34.32 0.24
N PRO A 164 28.64 34.51 1.04
CA PRO A 164 28.67 34.02 2.41
C PRO A 164 28.76 32.50 2.43
N PRO A 165 29.32 31.93 3.50
CA PRO A 165 29.39 30.46 3.59
C PRO A 165 28.05 29.80 3.86
N SER A 166 27.12 30.48 4.53
CA SER A 166 25.80 29.90 4.79
C SER A 166 24.94 29.84 3.54
N MET A 167 25.40 30.43 2.44
CA MET A 167 24.85 30.24 1.11
C MET A 167 25.17 28.84 0.58
N ALA A 168 26.07 28.13 1.26
CA ALA A 168 26.63 26.86 0.78
C ALA A 168 25.57 25.82 0.44
N LEU A 169 24.32 26.02 0.86
CA LEU A 169 23.28 25.07 0.48
C LEU A 169 23.18 24.94 -1.03
N ILE A 170 23.39 26.04 -1.76
CA ILE A 170 23.30 25.96 -3.21
C ILE A 170 24.43 25.13 -3.80
N ARG A 171 25.54 24.98 -3.08
CA ARG A 171 26.62 24.12 -3.53
C ARG A 171 26.21 22.67 -3.50
N ASN A 172 24.95 22.40 -3.19
CA ASN A 172 24.38 21.06 -3.24
C ASN A 172 23.36 20.90 -4.36
N LEU A 173 23.28 21.83 -5.29
CA LEU A 173 22.38 21.63 -6.42
C LEU A 173 23.03 20.91 -7.59
N ARG A 174 24.33 20.62 -7.52
CA ARG A 174 24.95 19.80 -8.55
C ARG A 174 24.15 18.52 -8.79
N ALA A 175 23.73 17.88 -7.70
CA ALA A 175 22.99 16.62 -7.80
C ALA A 175 21.78 16.73 -8.71
N PHE A 176 21.22 17.93 -8.89
CA PHE A 176 19.99 18.06 -9.66
C PHE A 176 20.24 18.24 -11.14
N ARG A 177 21.49 18.38 -11.58
CA ARG A 177 21.77 18.36 -13.00
C ARG A 177 21.21 17.10 -13.66
N ILE A 178 21.16 16.00 -12.91
CA ILE A 178 20.65 14.74 -13.45
C ILE A 178 19.24 14.88 -13.98
N PHE A 179 18.47 15.85 -13.49
CA PHE A 179 17.11 15.99 -13.98
C PHE A 179 17.08 16.33 -15.45
N ARG A 180 18.16 16.92 -15.97
CA ARG A 180 18.21 17.22 -17.39
C ARG A 180 18.20 15.96 -18.24
N LEU A 181 18.67 14.85 -17.66
CA LEU A 181 18.57 13.56 -18.34
C LEU A 181 17.13 13.23 -18.70
N PHE A 182 16.18 13.62 -17.85
CA PHE A 182 14.79 13.33 -18.13
C PHE A 182 14.27 14.05 -19.36
N LYS A 183 15.13 14.80 -20.04
CA LYS A 183 14.76 15.44 -21.30
C LYS A 183 15.27 14.66 -22.51
N ARG A 184 16.39 13.95 -22.37
CA ARG A 184 17.00 13.22 -23.47
C ARG A 184 16.43 11.82 -23.61
N ILE A 185 16.41 11.05 -22.52
CA ILE A 185 15.90 9.69 -22.56
C ILE A 185 14.38 9.77 -22.59
N LYS A 186 13.79 9.47 -23.75
CA LYS A 186 12.36 9.67 -23.92
C LYS A 186 11.51 8.66 -23.18
N SER A 187 12.07 7.52 -22.79
CA SER A 187 11.32 6.62 -21.91
C SER A 187 11.15 7.22 -20.52
N LEU A 188 12.10 8.05 -20.10
CA LEU A 188 11.98 8.79 -18.86
C LEU A 188 11.17 10.06 -19.02
N ASN A 189 11.33 10.77 -20.13
CA ASN A 189 10.54 11.96 -20.38
C ASN A 189 9.06 11.63 -20.49
N LYS A 190 8.74 10.41 -20.94
CA LYS A 190 7.35 9.99 -20.98
C LYS A 190 6.75 9.95 -19.59
N ILE A 191 7.39 9.21 -18.68
CA ILE A 191 6.91 9.12 -17.31
C ILE A 191 6.88 10.50 -16.67
N ILE A 192 7.87 11.34 -16.97
CA ILE A 192 7.90 12.66 -16.35
C ILE A 192 6.81 13.58 -16.85
N VAL A 193 6.43 13.51 -18.12
CA VAL A 193 5.32 14.35 -18.56
C VAL A 193 4.01 13.81 -18.00
N SER A 194 3.84 12.49 -17.92
CA SER A 194 2.64 11.96 -17.28
C SER A 194 2.53 12.42 -15.83
N LEU A 195 3.64 12.38 -15.10
CA LEU A 195 3.67 12.88 -13.73
C LEU A 195 3.35 14.36 -13.68
N GLY A 196 3.95 15.14 -14.58
CA GLY A 196 3.76 16.58 -14.54
C GLY A 196 2.35 17.00 -14.84
N LYS A 197 1.61 16.19 -15.58
CA LYS A 197 0.19 16.48 -15.76
C LYS A 197 -0.67 15.90 -14.66
N ALA A 198 -0.25 14.82 -14.01
CA ALA A 198 -0.99 14.32 -12.86
C ALA A 198 -0.76 15.14 -11.59
N ILE A 199 0.21 16.05 -11.60
CA ILE A 199 0.56 16.83 -10.40
C ILE A 199 -0.53 17.81 -10.00
N PRO A 200 -1.14 18.58 -10.92
CA PRO A 200 -2.20 19.50 -10.47
C PRO A 200 -3.39 18.82 -9.82
N GLY A 201 -3.62 17.55 -10.12
CA GLY A 201 -4.72 16.84 -9.51
C GLY A 201 -4.31 16.06 -8.27
N VAL A 202 -3.03 15.76 -8.17
CA VAL A 202 -2.52 15.05 -7.02
C VAL A 202 -2.32 16.07 -5.93
N ALA A 203 -1.95 17.28 -6.31
CA ALA A 203 -1.73 18.36 -5.38
C ALA A 203 -3.00 18.72 -4.67
N ASN A 204 -4.13 18.75 -5.36
CA ASN A 204 -5.41 19.03 -4.73
C ASN A 204 -5.76 17.96 -3.73
N ALA A 205 -5.49 16.72 -4.06
CA ALA A 205 -5.75 15.63 -3.15
C ALA A 205 -4.87 15.78 -1.93
N PHE A 206 -3.62 16.16 -2.12
CA PHE A 206 -2.73 16.39 -1.01
C PHE A 206 -3.22 17.52 -0.18
N VAL A 207 -3.74 18.58 -0.76
CA VAL A 207 -4.27 19.68 0.04
C VAL A 207 -5.48 19.23 0.84
N ILE A 208 -6.35 18.39 0.27
CA ILE A 208 -7.47 17.91 1.05
C ILE A 208 -6.97 17.06 2.19
N MET A 209 -5.98 16.23 1.93
CA MET A 209 -5.44 15.40 2.98
C MET A 209 -4.79 16.23 4.04
N VAL A 210 -4.09 17.29 3.67
CA VAL A 210 -3.46 18.14 4.63
C VAL A 210 -4.50 18.81 5.47
N ILE A 211 -5.59 19.26 4.87
CA ILE A 211 -6.63 19.89 5.66
C ILE A 211 -7.22 18.90 6.62
N ILE A 212 -7.44 17.67 6.20
CA ILE A 212 -7.98 16.66 7.13
C ILE A 212 -6.99 16.33 8.24
N MET A 213 -5.69 16.33 7.94
CA MET A 213 -4.65 16.10 8.92
C MET A 213 -4.52 17.25 9.90
N CYS A 214 -4.91 18.47 9.49
CA CYS A 214 -4.82 19.65 10.34
C CYS A 214 -5.96 19.70 11.30
N ILE A 215 -7.10 19.13 10.92
CA ILE A 215 -8.25 18.97 11.81
C ILE A 215 -7.94 17.96 12.91
N TYR A 216 -7.33 16.83 12.53
CA TYR A 216 -6.96 15.83 13.52
C TYR A 216 -5.87 16.32 14.46
N ALA A 217 -4.96 17.18 13.98
CA ALA A 217 -3.94 17.73 14.87
C ALA A 217 -4.54 18.71 15.86
N ILE A 218 -5.50 19.51 15.42
CA ILE A 218 -6.21 20.40 16.34
C ILE A 218 -6.93 19.61 17.41
N LEU A 219 -7.64 18.55 17.00
CA LEU A 219 -8.34 17.74 17.98
C LEU A 219 -7.37 16.98 18.88
N GLY A 220 -6.24 16.54 18.34
CA GLY A 220 -5.26 15.85 19.16
C GLY A 220 -4.65 16.73 20.21
N VAL A 221 -4.30 17.96 19.86
CA VAL A 221 -3.80 18.90 20.86
C VAL A 221 -4.89 19.25 21.87
N GLU A 222 -6.14 19.31 21.41
CA GLU A 222 -7.22 19.64 22.33
C GLU A 222 -7.41 18.55 23.37
N PHE A 223 -7.43 17.29 22.93
CA PHE A 223 -7.73 16.17 23.82
C PHE A 223 -6.49 15.63 24.52
N TYR A 224 -5.51 15.14 23.75
CA TYR A 224 -4.43 14.32 24.27
C TYR A 224 -3.17 15.11 24.57
N HIS A 225 -3.28 16.41 24.79
CA HIS A 225 -2.09 17.16 25.15
C HIS A 225 -1.77 17.07 26.63
N MET A 226 -2.53 16.29 27.40
CA MET A 226 -2.27 16.17 28.82
C MET A 226 -2.17 14.72 29.29
N THR A 227 -2.13 13.76 28.37
CA THR A 227 -1.96 12.37 28.76
C THR A 227 -0.57 12.17 29.37
N GLY A 228 -0.49 11.29 30.36
CA GLY A 228 0.76 11.02 31.03
C GLY A 228 1.18 12.06 32.05
N SER A 229 0.39 13.10 32.25
CA SER A 229 0.72 14.16 33.18
C SER A 229 0.91 13.64 34.60
N TYR A 269 9.10 14.92 29.56
CA TYR A 269 8.10 14.75 28.51
C TYR A 269 7.20 13.55 28.77
N THR A 270 5.90 13.77 28.75
CA THR A 270 4.93 12.69 28.82
C THR A 270 4.66 12.18 27.40
N TYR A 271 3.62 11.37 27.23
CA TYR A 271 3.19 11.07 25.87
C TYR A 271 2.41 12.23 25.28
N GLY A 272 1.58 12.87 26.10
CA GLY A 272 0.85 14.04 25.68
C GLY A 272 1.78 15.16 25.29
N GLU A 273 2.51 15.69 26.25
CA GLU A 273 3.39 16.82 26.04
C GLU A 273 4.45 16.68 24.98
N GLU A 274 4.58 15.51 24.39
CA GLU A 274 5.59 15.26 23.38
C GLU A 274 5.00 14.86 22.03
N TYR A 275 3.99 14.02 22.02
CA TYR A 275 3.40 13.58 20.76
C TYR A 275 2.20 14.40 20.35
N TYR A 276 1.55 15.09 21.28
CA TYR A 276 0.48 16.01 20.98
C TYR A 276 0.65 17.36 21.65
N GLY A 277 1.88 17.65 22.10
CA GLY A 277 2.10 18.87 22.85
C GLY A 277 1.63 20.18 22.26
N THR A 278 1.92 20.41 20.99
CA THR A 278 1.49 21.58 20.25
C THR A 278 0.95 21.13 18.91
N PHE A 279 0.58 22.08 18.06
CA PHE A 279 -0.08 21.72 16.82
C PHE A 279 0.87 21.04 15.85
N PHE A 280 2.15 21.38 15.90
CA PHE A 280 3.08 20.79 14.94
C PHE A 280 3.62 19.46 15.43
N ARG A 281 3.76 19.27 16.76
CA ARG A 281 4.04 17.94 17.27
C ARG A 281 2.91 16.98 16.94
N ALA A 282 1.67 17.46 17.01
CA ALA A 282 0.54 16.60 16.68
C ALA A 282 0.45 16.34 15.19
N LEU A 283 0.68 17.37 14.37
CA LEU A 283 0.68 17.17 12.93
C LEU A 283 1.77 16.20 12.51
N TYR A 284 2.92 16.25 13.17
CA TYR A 284 4.01 15.35 12.85
C TYR A 284 3.75 13.94 13.36
N THR A 285 3.13 13.81 14.54
CA THR A 285 2.70 12.50 15.02
C THR A 285 1.73 11.85 14.05
N LEU A 286 0.77 12.61 13.56
CA LEU A 286 -0.20 12.05 12.64
C LEU A 286 0.43 11.76 11.28
N PHE A 287 1.46 12.50 10.88
CA PHE A 287 2.12 12.13 9.63
C PHE A 287 2.91 10.85 9.79
N GLN A 288 3.60 10.68 10.92
CA GLN A 288 4.23 9.39 11.19
C GLN A 288 3.22 8.27 11.15
N VAL A 289 2.14 8.39 11.92
CA VAL A 289 1.09 7.37 11.96
C VAL A 289 0.54 7.12 10.56
N LEU A 290 0.43 8.16 9.74
CA LEU A 290 -0.12 8.00 8.40
C LEU A 290 0.72 7.06 7.56
N THR A 291 2.05 7.15 7.69
CA THR A 291 2.97 6.31 6.96
C THR A 291 3.38 5.08 7.76
N GLY A 292 2.50 4.54 8.59
CA GLY A 292 2.79 3.32 9.30
C GLY A 292 3.71 3.26 10.49
N GLU A 293 3.63 4.25 11.38
CA GLU A 293 4.42 4.20 12.61
C GLU A 293 3.75 3.83 13.92
N SER A 294 2.89 2.81 13.92
CA SER A 294 2.55 2.10 15.15
C SER A 294 1.97 3.02 16.22
N TRP A 295 0.78 3.53 15.94
CA TRP A 295 0.05 4.34 16.90
C TRP A 295 -0.34 3.58 18.16
N SER A 296 0.07 2.32 18.29
CA SER A 296 -0.44 1.46 19.36
C SER A 296 0.13 1.83 20.73
N GLU A 297 1.14 2.71 20.77
CA GLU A 297 1.62 3.17 22.06
C GLU A 297 0.77 4.32 22.60
N ALA A 298 0.05 5.01 21.70
CA ALA A 298 -0.83 6.09 22.14
C ALA A 298 -2.03 5.54 22.90
N VAL A 299 -2.55 4.41 22.46
CA VAL A 299 -3.75 3.82 23.04
C VAL A 299 -3.32 2.78 24.07
N ALA A 300 -3.75 2.98 25.32
CA ALA A 300 -3.41 2.08 26.40
C ALA A 300 -4.57 1.12 26.64
N ARG A 301 -4.34 -0.15 26.36
CA ARG A 301 -5.41 -1.14 26.49
C ARG A 301 -6.00 -1.23 27.88
N PRO A 302 -5.24 -1.20 28.98
CA PRO A 302 -5.88 -1.20 30.30
C PRO A 302 -6.89 -0.06 30.45
N ALA A 303 -6.52 1.14 30.02
CA ALA A 303 -7.43 2.28 30.16
C ALA A 303 -8.62 2.17 29.22
N VAL A 304 -8.40 1.65 28.01
CA VAL A 304 -9.48 1.63 27.03
C VAL A 304 -10.50 0.54 27.34
N PHE A 305 -10.04 -0.63 27.77
CA PHE A 305 -10.92 -1.76 27.96
C PHE A 305 -11.23 -2.04 29.42
N GLU A 306 -10.21 -2.08 30.29
CA GLU A 306 -10.44 -2.39 31.69
C GLU A 306 -11.32 -1.33 32.37
N SER A 307 -11.12 -0.07 32.02
CA SER A 307 -11.95 0.99 32.56
C SER A 307 -13.36 0.90 31.98
N HIS A 308 -14.22 1.84 32.38
CA HIS A 308 -15.60 1.81 31.93
C HIS A 308 -15.69 2.19 30.46
N TYR A 309 -16.93 2.24 29.97
CA TYR A 309 -17.18 2.36 28.54
C TYR A 309 -16.95 3.75 27.97
N ASP A 310 -16.43 4.70 28.76
CA ASP A 310 -16.23 6.06 28.27
C ASP A 310 -14.88 6.42 27.67
N SER A 311 -13.89 5.52 27.73
CA SER A 311 -12.51 5.90 27.48
C SER A 311 -11.94 5.37 26.16
N PHE A 312 -12.78 4.93 25.23
CA PHE A 312 -12.28 4.47 23.93
C PHE A 312 -12.21 5.59 22.91
N GLY A 313 -12.20 6.85 23.38
CA GLY A 313 -11.96 8.00 22.53
C GLY A 313 -10.71 7.91 21.68
N PRO A 314 -9.55 7.61 22.25
CA PRO A 314 -8.34 7.47 21.41
C PRO A 314 -8.42 6.34 20.41
N VAL A 315 -9.10 5.24 20.75
CA VAL A 315 -9.33 4.20 19.76
C VAL A 315 -10.12 4.75 18.59
N LEU A 316 -11.19 5.50 18.87
CA LEU A 316 -11.98 6.07 17.78
C LEU A 316 -11.16 7.07 16.98
N PHE A 317 -10.38 7.91 17.66
CA PHE A 317 -9.51 8.88 17.02
C PHE A 317 -8.59 8.21 16.01
N TYR A 318 -7.85 7.20 16.44
CA TYR A 318 -6.85 6.60 15.57
C TYR A 318 -7.48 5.70 14.52
N VAL A 319 -8.57 5.01 14.85
CA VAL A 319 -9.24 4.19 13.85
C VAL A 319 -9.81 5.04 12.74
N SER A 320 -10.47 6.15 13.11
CA SER A 320 -11.04 7.04 12.11
C SER A 320 -9.94 7.71 11.29
N PHE A 321 -8.87 8.17 11.94
CA PHE A 321 -7.76 8.76 11.19
C PHE A 321 -7.21 7.75 10.20
N ILE A 322 -6.89 6.55 10.67
CA ILE A 322 -6.32 5.52 9.80
C ILE A 322 -7.23 5.30 8.60
N ILE A 323 -8.49 4.95 8.86
CA ILE A 323 -9.44 4.68 7.78
C ILE A 323 -9.42 5.85 6.81
N ILE A 324 -9.89 7.02 7.27
CA ILE A 324 -10.12 8.15 6.37
C ILE A 324 -8.82 8.49 5.66
N CYS A 325 -7.84 9.02 6.40
CA CYS A 325 -6.66 9.53 5.74
C CYS A 325 -5.92 8.39 5.04
N GLN A 326 -5.39 7.43 5.79
CA GLN A 326 -4.55 6.42 5.18
C GLN A 326 -5.30 5.76 4.03
N ILE A 327 -6.34 4.97 4.33
CA ILE A 327 -6.96 4.17 3.30
C ILE A 327 -7.58 5.07 2.24
N VAL A 328 -8.60 5.85 2.62
CA VAL A 328 -9.42 6.49 1.62
C VAL A 328 -8.63 7.57 0.88
N LEU A 329 -7.89 8.41 1.62
CA LEU A 329 -7.30 9.55 0.94
C LEU A 329 -5.99 9.20 0.25
N ILE A 330 -5.17 8.29 0.81
CA ILE A 330 -4.00 7.91 0.02
C ILE A 330 -4.44 7.14 -1.21
N ASN A 331 -5.53 6.38 -1.14
CA ASN A 331 -6.01 5.73 -2.36
C ASN A 331 -6.70 6.70 -3.29
N VAL A 332 -7.17 7.85 -2.79
CA VAL A 332 -7.63 8.91 -3.68
C VAL A 332 -6.46 9.50 -4.45
N VAL A 333 -5.33 9.71 -3.77
CA VAL A 333 -4.13 10.17 -4.46
C VAL A 333 -3.72 9.16 -5.52
N VAL A 334 -3.74 7.87 -5.16
CA VAL A 334 -3.47 6.81 -6.12
C VAL A 334 -4.41 6.92 -7.31
N ALA A 335 -5.71 7.05 -7.05
CA ALA A 335 -6.71 7.09 -8.12
C ALA A 335 -6.44 8.22 -9.10
N VAL A 336 -6.14 9.42 -8.58
CA VAL A 336 -5.77 10.52 -9.45
C VAL A 336 -4.56 10.15 -10.30
N LEU A 337 -3.55 9.58 -9.66
CA LEU A 337 -2.32 9.21 -10.35
C LEU A 337 -2.60 8.24 -11.49
N LEU A 338 -3.38 7.19 -11.21
CA LEU A 338 -3.64 6.17 -12.23
C LEU A 338 -4.52 6.71 -13.34
N ASP A 339 -5.51 7.53 -13.01
CA ASP A 339 -6.37 8.08 -14.03
C ASP A 339 -5.56 8.89 -15.02
N LYS A 340 -4.66 9.74 -14.52
CA LYS A 340 -3.84 10.52 -15.45
C LYS A 340 -2.82 9.65 -16.17
N MET A 341 -2.22 8.68 -15.46
CA MET A 341 -1.16 7.87 -16.05
C MET A 341 -1.70 6.96 -17.16
N VAL A 342 -2.98 6.57 -17.08
CA VAL A 342 -3.57 5.76 -18.13
C VAL A 342 -4.33 6.61 -19.16
N GLU A 343 -4.73 7.83 -18.82
CA GLU A 343 -5.33 8.71 -19.81
C GLU A 343 -4.28 9.23 -20.78
N GLU A 344 -3.11 9.59 -20.25
CA GLU A 344 -2.02 10.10 -21.07
C GLU A 344 -0.95 9.05 -21.33
N PRO B 49 -34.31 -14.21 -10.68
CA PRO B 49 -34.17 -15.46 -11.41
C PRO B 49 -35.50 -16.19 -11.57
N PRO B 50 -35.72 -16.82 -12.72
CA PRO B 50 -36.96 -17.53 -12.96
C PRO B 50 -36.86 -18.98 -12.53
N PRO B 51 -37.87 -19.50 -11.84
CA PRO B 51 -37.91 -20.94 -11.52
C PRO B 51 -38.43 -21.73 -12.69
N ARG B 52 -37.55 -22.48 -13.35
CA ARG B 52 -37.95 -23.22 -14.54
C ARG B 52 -37.85 -24.72 -14.37
N LYS B 53 -36.90 -25.22 -13.58
CA LYS B 53 -36.76 -26.66 -13.44
C LYS B 53 -37.55 -27.22 -12.26
N VAL B 54 -38.00 -26.37 -11.33
CA VAL B 54 -38.64 -26.82 -10.11
C VAL B 54 -40.14 -26.97 -10.39
N VAL B 55 -40.52 -28.12 -10.92
CA VAL B 55 -41.93 -28.38 -11.14
C VAL B 55 -42.62 -28.68 -9.81
N PHE B 56 -43.94 -28.50 -9.79
CA PHE B 56 -44.71 -28.39 -8.55
C PHE B 56 -45.40 -29.71 -8.23
N TRP B 57 -44.84 -30.44 -7.26
CA TRP B 57 -45.48 -31.64 -6.70
C TRP B 57 -46.34 -31.31 -5.49
N LEU B 58 -45.93 -30.34 -4.71
CA LEU B 58 -46.53 -30.03 -3.42
C LEU B 58 -47.82 -29.24 -3.59
N PRO B 59 -48.74 -29.34 -2.63
CA PRO B 59 -50.06 -28.70 -2.81
C PRO B 59 -50.00 -27.20 -3.00
N HIS B 60 -49.26 -26.50 -2.14
CA HIS B 60 -49.26 -25.04 -2.16
C HIS B 60 -47.95 -24.42 -2.60
N GLN B 61 -47.18 -25.15 -3.40
CA GLN B 61 -45.82 -24.73 -3.69
C GLN B 61 -45.62 -23.35 -4.29
N ARG B 62 -46.40 -23.02 -5.32
CA ARG B 62 -46.21 -21.74 -5.99
C ARG B 62 -46.50 -20.57 -5.06
N LYS B 63 -47.35 -20.78 -4.05
CA LYS B 63 -47.69 -19.71 -3.13
C LYS B 63 -46.59 -19.51 -2.10
N VAL B 64 -46.22 -20.59 -1.40
CA VAL B 64 -45.17 -20.51 -0.38
C VAL B 64 -43.84 -20.09 -0.99
N PHE B 65 -43.57 -20.51 -2.23
CA PHE B 65 -42.30 -20.16 -2.85
C PHE B 65 -42.17 -18.66 -3.02
N ASP B 66 -43.07 -18.04 -3.77
CA ASP B 66 -43.01 -16.60 -3.95
C ASP B 66 -43.34 -15.83 -2.68
N PHE B 67 -43.84 -16.51 -1.64
CA PHE B 67 -43.90 -15.86 -0.34
C PHE B 67 -42.51 -15.75 0.25
N TYR B 68 -41.73 -16.84 0.23
CA TYR B 68 -40.38 -16.77 0.78
C TYR B 68 -39.50 -15.84 -0.02
N ALA B 69 -39.58 -15.89 -1.34
CA ALA B 69 -38.70 -15.07 -2.17
C ALA B 69 -39.08 -13.61 -2.18
N SER B 70 -40.17 -13.22 -1.52
CA SER B 70 -40.55 -11.82 -1.49
C SER B 70 -39.52 -11.01 -0.72
N GLN B 71 -39.38 -9.74 -1.10
CA GLN B 71 -38.35 -8.89 -0.51
C GLN B 71 -38.59 -8.66 0.98
N GLY B 72 -39.85 -8.71 1.40
CA GLY B 72 -40.13 -8.56 2.82
C GLY B 72 -39.53 -9.68 3.64
N VAL B 73 -39.73 -10.93 3.21
CA VAL B 73 -39.17 -12.06 3.93
C VAL B 73 -37.65 -12.06 3.83
N GLN B 74 -37.11 -11.63 2.69
CA GLN B 74 -35.66 -11.54 2.56
C GLN B 74 -35.08 -10.56 3.58
N TYR B 75 -35.73 -9.41 3.76
CA TYR B 75 -35.18 -8.45 4.72
C TYR B 75 -35.46 -8.86 6.16
N PHE B 76 -36.54 -9.59 6.42
CA PHE B 76 -36.72 -10.12 7.76
C PHE B 76 -35.68 -11.17 8.10
N THR B 77 -35.34 -12.03 7.14
CA THR B 77 -34.30 -13.02 7.39
C THR B 77 -32.92 -12.38 7.45
N ALA B 78 -32.71 -11.26 6.74
CA ALA B 78 -31.48 -10.50 6.94
C ALA B 78 -31.43 -9.90 8.34
N PHE B 79 -32.58 -9.48 8.86
CA PHE B 79 -32.63 -9.05 10.25
C PHE B 79 -32.23 -10.18 11.19
N LEU B 80 -32.77 -11.37 10.97
CA LEU B 80 -32.43 -12.49 11.85
C LEU B 80 -30.96 -12.88 11.74
N ILE B 81 -30.40 -12.82 10.53
CA ILE B 81 -28.99 -13.14 10.35
C ILE B 81 -28.12 -12.14 11.09
N VAL B 82 -28.39 -10.85 10.94
CA VAL B 82 -27.55 -9.85 11.59
C VAL B 82 -27.72 -9.91 13.10
N SER B 83 -28.94 -10.15 13.59
CA SER B 83 -29.12 -10.26 15.03
C SER B 83 -28.43 -11.50 15.59
N ASN B 84 -28.40 -12.60 14.85
CA ASN B 84 -27.70 -13.78 15.36
C ASN B 84 -26.20 -13.58 15.34
N PHE B 85 -25.68 -12.87 14.33
CA PHE B 85 -24.26 -12.54 14.35
C PHE B 85 -23.92 -11.64 15.52
N ILE B 86 -24.77 -10.66 15.80
CA ILE B 86 -24.53 -9.79 16.95
C ILE B 86 -24.70 -10.56 18.25
N PHE B 87 -25.49 -11.61 18.25
CA PHE B 87 -25.58 -12.46 19.45
C PHE B 87 -24.29 -13.24 19.66
N ASN B 88 -23.69 -13.72 18.58
CA ASN B 88 -22.39 -14.38 18.71
C ASN B 88 -21.33 -13.40 19.21
N CYS B 89 -21.30 -12.20 18.65
CA CYS B 89 -20.35 -11.18 19.08
C CYS B 89 -20.59 -10.79 20.54
N ALA B 90 -21.85 -10.71 20.96
CA ALA B 90 -22.15 -10.39 22.34
C ALA B 90 -21.71 -11.50 23.28
N GLU B 91 -21.85 -12.76 22.86
CA GLU B 91 -21.33 -13.84 23.70
C GLU B 91 -19.84 -13.75 23.83
N LYS B 92 -19.13 -13.43 22.75
CA LYS B 92 -17.68 -13.38 22.82
C LYS B 92 -17.16 -12.14 23.52
N GLU B 93 -17.96 -11.09 23.65
CA GLU B 93 -17.50 -9.90 24.35
C GLU B 93 -17.91 -9.89 25.82
N TRP B 94 -19.19 -10.14 26.10
CA TRP B 94 -19.68 -10.05 27.46
C TRP B 94 -19.56 -11.35 28.24
N ASP B 95 -19.11 -12.42 27.60
CA ASP B 95 -18.94 -13.68 28.30
C ASP B 95 -18.00 -14.60 27.53
N PRO B 96 -16.71 -14.26 27.41
CA PRO B 96 -15.80 -15.09 26.62
C PRO B 96 -15.19 -16.25 27.37
N TYR B 97 -15.41 -16.35 28.68
CA TYR B 97 -14.71 -17.33 29.49
C TYR B 97 -15.11 -18.76 29.13
N THR B 98 -14.28 -19.70 29.55
CA THR B 98 -14.61 -21.11 29.32
C THR B 98 -15.71 -21.58 30.26
N ASP B 99 -15.72 -21.07 31.49
CA ASP B 99 -16.80 -21.33 32.44
C ASP B 99 -17.74 -20.14 32.37
N GLN B 100 -18.64 -20.17 31.40
CA GLN B 100 -19.48 -19.01 31.11
C GLN B 100 -20.39 -18.68 32.27
N LEU B 101 -20.66 -17.38 32.43
CA LEU B 101 -21.61 -16.93 33.46
C LEU B 101 -23.04 -17.21 33.03
N TYR B 102 -23.44 -16.59 31.93
CA TYR B 102 -24.78 -16.66 31.49
C TYR B 102 -24.84 -17.70 30.51
N GLN B 103 -24.35 -18.85 30.85
CA GLN B 103 -24.30 -19.93 29.90
C GLN B 103 -25.62 -20.30 29.36
N GLY B 104 -26.62 -20.27 30.15
CA GLY B 104 -27.83 -20.74 29.59
C GLY B 104 -28.21 -19.80 28.53
N LEU B 105 -28.13 -18.55 28.85
CA LEU B 105 -28.56 -17.53 27.90
C LEU B 105 -28.06 -17.84 26.50
N TRP B 106 -26.75 -18.05 26.35
CA TRP B 106 -26.21 -18.30 25.02
C TRP B 106 -26.70 -19.63 24.47
N ARG B 107 -26.83 -20.64 25.33
CA ARG B 107 -27.32 -21.93 24.86
C ARG B 107 -28.71 -21.82 24.29
N TRP B 108 -29.66 -21.28 25.06
CA TRP B 108 -31.03 -21.19 24.56
C TRP B 108 -31.17 -20.14 23.47
N GLY B 109 -30.32 -19.12 23.46
CA GLY B 109 -30.40 -18.13 22.40
C GLY B 109 -30.01 -18.71 21.06
N GLU B 110 -28.90 -19.45 21.01
CA GLU B 110 -28.56 -20.09 19.75
C GLU B 110 -29.47 -21.26 19.44
N PHE B 111 -30.06 -21.89 20.47
CA PHE B 111 -31.13 -22.84 20.23
C PHE B 111 -32.27 -22.21 19.44
N ALA B 112 -32.76 -21.06 19.92
CA ALA B 112 -33.88 -20.38 19.27
C ALA B 112 -33.51 -19.89 17.88
N PHE B 113 -32.32 -19.31 17.72
CA PHE B 113 -31.92 -18.85 16.41
C PHE B 113 -31.77 -20.01 15.43
N ASN B 114 -31.25 -21.13 15.90
CA ASN B 114 -31.08 -22.26 15.00
C ASN B 114 -32.41 -22.90 14.63
N THR B 115 -33.38 -22.96 15.56
CA THR B 115 -34.66 -23.52 15.17
C THR B 115 -35.40 -22.57 14.24
N MET B 116 -35.22 -21.27 14.41
CA MET B 116 -35.81 -20.34 13.44
C MET B 116 -35.18 -20.52 12.06
N PHE B 117 -33.87 -20.74 12.00
CA PHE B 117 -33.24 -20.95 10.71
C PHE B 117 -33.61 -22.31 10.12
N LEU B 118 -33.86 -23.31 10.96
CA LEU B 118 -34.36 -24.59 10.47
C LEU B 118 -35.76 -24.43 9.89
N ILE B 119 -36.62 -23.66 10.56
CA ILE B 119 -37.95 -23.39 10.04
C ILE B 119 -37.86 -22.64 8.70
N GLU B 120 -36.93 -21.69 8.61
CA GLU B 120 -36.78 -20.95 7.36
C GLU B 120 -36.29 -21.84 6.24
N LEU B 121 -35.34 -22.73 6.53
CA LEU B 121 -34.87 -23.64 5.50
C LEU B 121 -35.97 -24.61 5.06
N LEU B 122 -36.80 -25.05 6.00
CA LEU B 122 -37.92 -25.89 5.62
C LEU B 122 -38.92 -25.13 4.76
N ILE B 123 -39.20 -23.88 5.09
CA ILE B 123 -40.07 -23.05 4.25
C ILE B 123 -39.49 -22.96 2.84
N ASN B 124 -38.20 -22.68 2.73
CA ASN B 124 -37.56 -22.57 1.43
C ASN B 124 -37.69 -23.86 0.64
N PHE B 125 -37.29 -24.98 1.25
CA PHE B 125 -37.24 -26.24 0.51
C PHE B 125 -38.64 -26.73 0.15
N TYR B 126 -39.62 -26.51 1.03
CA TYR B 126 -41.01 -26.68 0.64
C TYR B 126 -41.34 -25.80 -0.55
N GLY B 127 -40.76 -24.60 -0.60
CA GLY B 127 -41.01 -23.70 -1.70
C GLY B 127 -40.58 -24.27 -3.04
N ILE B 128 -39.41 -24.91 -3.08
CA ILE B 128 -38.95 -25.45 -4.36
C ILE B 128 -38.83 -26.97 -4.36
N ALA B 129 -39.73 -27.64 -3.63
CA ALA B 129 -39.88 -29.10 -3.70
C ALA B 129 -38.66 -29.85 -3.17
N PHE B 130 -38.03 -29.31 -2.13
CA PHE B 130 -36.94 -29.95 -1.42
C PHE B 130 -35.82 -30.40 -2.35
N CYS B 131 -35.78 -29.88 -3.57
CA CYS B 131 -34.74 -30.27 -4.51
C CYS B 131 -33.42 -29.55 -4.20
N PHE B 132 -33.46 -28.23 -4.18
CA PHE B 132 -32.34 -27.33 -3.87
C PHE B 132 -31.11 -27.58 -4.74
N TRP B 133 -31.30 -28.29 -5.84
CA TRP B 133 -30.21 -28.44 -6.79
C TRP B 133 -30.63 -27.66 -8.05
N ARG B 134 -31.93 -27.55 -8.29
CA ARG B 134 -32.40 -26.84 -9.48
C ARG B 134 -32.33 -25.33 -9.28
N TYR B 135 -33.00 -24.81 -8.26
CA TYR B 135 -33.06 -23.38 -8.02
C TYR B 135 -32.09 -22.99 -6.92
N ASN B 136 -31.21 -22.03 -7.22
CA ASN B 136 -30.32 -21.44 -6.23
C ASN B 136 -29.50 -22.51 -5.50
N TRP B 137 -28.91 -23.39 -6.30
CA TRP B 137 -28.17 -24.53 -5.79
C TRP B 137 -26.98 -24.23 -4.86
N ALA B 138 -26.30 -23.10 -5.06
CA ALA B 138 -25.16 -22.77 -4.23
C ALA B 138 -25.60 -22.24 -2.87
N TRP B 139 -26.51 -21.28 -2.86
CA TRP B 139 -26.96 -20.70 -1.60
C TRP B 139 -27.81 -21.68 -0.81
N ASN B 140 -28.61 -22.49 -1.49
CA ASN B 140 -29.36 -23.53 -0.79
C ASN B 140 -28.43 -24.57 -0.19
N THR B 141 -27.33 -24.88 -0.88
CA THR B 141 -26.34 -25.80 -0.32
C THR B 141 -25.68 -25.22 0.91
N PHE B 142 -25.28 -23.95 0.86
CA PHE B 142 -24.70 -23.31 2.04
C PHE B 142 -25.69 -23.26 3.19
N ASP B 143 -26.94 -22.92 2.91
CA ASP B 143 -27.96 -22.90 3.95
C ASP B 143 -28.13 -24.28 4.59
N LEU B 144 -28.21 -25.32 3.75
CA LEU B 144 -28.35 -26.66 4.29
C LEU B 144 -27.17 -27.03 5.15
N VAL B 145 -25.95 -26.71 4.71
CA VAL B 145 -24.76 -27.04 5.49
C VAL B 145 -24.82 -26.39 6.86
N VAL B 146 -25.05 -25.08 6.90
CA VAL B 146 -25.00 -24.38 8.19
C VAL B 146 -26.13 -24.84 9.10
N VAL B 147 -27.32 -25.09 8.53
CA VAL B 147 -28.43 -25.50 9.38
C VAL B 147 -28.23 -26.93 9.87
N ALA B 148 -27.60 -27.79 9.06
CA ALA B 148 -27.29 -29.14 9.52
C ALA B 148 -26.30 -29.11 10.67
N ILE B 149 -25.23 -28.33 10.54
CA ILE B 149 -24.25 -28.25 11.62
C ILE B 149 -24.91 -27.68 12.87
N GLY B 150 -25.74 -26.66 12.72
CA GLY B 150 -26.41 -26.09 13.87
C GLY B 150 -27.31 -27.07 14.58
N THR B 151 -28.13 -27.80 13.82
CA THR B 151 -29.06 -28.74 14.44
C THR B 151 -28.32 -29.93 15.05
N LEU B 152 -27.17 -30.29 14.48
CA LEU B 152 -26.34 -31.32 15.10
C LEU B 152 -25.85 -30.87 16.47
N THR B 153 -25.30 -29.65 16.53
CA THR B 153 -24.86 -29.11 17.82
C THR B 153 -26.02 -28.97 18.79
N MET B 154 -27.21 -28.61 18.29
CA MET B 154 -28.38 -28.51 19.16
C MET B 154 -28.73 -29.85 19.79
N ALA B 155 -28.87 -30.87 18.94
CA ALA B 155 -29.23 -32.20 19.43
C ALA B 155 -28.21 -32.72 20.43
N GLU B 156 -26.92 -32.48 20.17
CA GLU B 156 -25.93 -32.97 21.12
C GLU B 156 -25.86 -32.12 22.38
N ALA B 157 -26.15 -30.82 22.29
CA ALA B 157 -26.06 -29.97 23.48
C ALA B 157 -27.22 -30.22 24.43
N ILE B 158 -28.38 -30.63 23.91
CA ILE B 158 -29.49 -30.92 24.80
C ILE B 158 -29.55 -32.40 25.18
N GLY B 159 -29.19 -33.30 24.27
CA GLY B 159 -29.29 -34.71 24.55
C GLY B 159 -27.99 -35.50 24.52
N GLY B 160 -26.92 -34.92 25.03
CA GLY B 160 -25.66 -35.66 25.17
C GLY B 160 -24.78 -35.57 23.95
N ASN B 161 -23.48 -35.47 24.20
CA ASN B 161 -22.49 -35.29 23.13
C ASN B 161 -22.26 -36.63 22.44
N PHE B 162 -22.92 -36.85 21.30
CA PHE B 162 -22.72 -38.07 20.54
C PHE B 162 -21.39 -38.05 19.80
N MET B 163 -20.98 -36.84 19.28
CA MET B 163 -19.76 -36.77 18.48
C MET B 163 -18.53 -36.60 19.37
N PRO B 164 -17.33 -36.84 18.83
CA PRO B 164 -16.13 -36.60 19.61
C PRO B 164 -16.00 -35.13 19.96
N PRO B 165 -15.31 -34.82 21.07
CA PRO B 165 -15.12 -33.40 21.43
C PRO B 165 -14.13 -32.67 20.53
N SER B 166 -13.15 -33.37 19.94
CA SER B 166 -12.20 -32.70 19.05
C SER B 166 -12.83 -32.34 17.72
N MET B 167 -14.06 -32.77 17.47
CA MET B 167 -14.89 -32.28 16.38
C MET B 167 -15.36 -30.86 16.64
N ALA B 168 -15.18 -30.36 17.87
CA ALA B 168 -15.73 -29.09 18.32
C ALA B 168 -15.38 -27.92 17.44
N LEU B 169 -14.39 -28.06 16.55
CA LEU B 169 -14.08 -26.96 15.63
C LEU B 169 -15.32 -26.55 14.84
N ILE B 170 -16.16 -27.52 14.47
CA ILE B 170 -17.34 -27.17 13.69
C ILE B 170 -18.34 -26.37 14.52
N ARG B 171 -18.27 -26.46 15.85
CA ARG B 171 -19.13 -25.65 16.70
C ARG B 171 -18.73 -24.18 16.62
N ASN B 172 -17.79 -23.86 15.73
CA ASN B 172 -17.41 -22.48 15.46
C ASN B 172 -17.83 -22.02 14.08
N LEU B 173 -18.68 -22.77 13.38
CA LEU B 173 -19.16 -22.27 12.10
C LEU B 173 -20.42 -21.42 12.21
N ARG B 174 -20.98 -21.27 13.40
CA ARG B 174 -22.10 -20.35 13.57
C ARG B 174 -21.76 -18.98 13.01
N ALA B 175 -20.56 -18.50 13.28
CA ALA B 175 -20.14 -17.19 12.82
C ALA B 175 -20.30 -17.01 11.32
N PHE B 176 -20.29 -18.09 10.55
CA PHE B 176 -20.33 -17.96 9.11
C PHE B 176 -21.74 -17.90 8.55
N ARG B 177 -22.77 -18.08 9.39
CA ARG B 177 -24.13 -17.84 8.93
C ARG B 177 -24.27 -16.43 8.36
N ILE B 178 -23.50 -15.47 8.87
CA ILE B 178 -23.56 -14.10 8.39
C ILE B 178 -23.31 -14.00 6.90
N PHE B 179 -22.60 -14.96 6.32
CA PHE B 179 -22.34 -14.88 4.88
C PHE B 179 -23.61 -14.94 4.08
N ARG B 180 -24.67 -15.53 4.63
CA ARG B 180 -25.94 -15.58 3.93
C ARG B 180 -26.51 -14.19 3.74
N LEU B 181 -26.15 -13.25 4.61
CA LEU B 181 -26.55 -11.86 4.43
C LEU B 181 -26.09 -11.34 3.08
N PHE B 182 -24.92 -11.78 2.61
CA PHE B 182 -24.42 -11.30 1.34
C PHE B 182 -25.27 -11.74 0.17
N LYS B 183 -26.37 -12.43 0.43
CA LYS B 183 -27.32 -12.79 -0.61
C LYS B 183 -28.53 -11.87 -0.62
N ARG B 184 -28.91 -11.31 0.53
CA ARG B 184 -30.08 -10.46 0.63
C ARG B 184 -29.77 -9.00 0.33
N ILE B 185 -28.75 -8.45 0.98
CA ILE B 185 -28.38 -7.05 0.77
C ILE B 185 -27.64 -6.96 -0.56
N LYS B 186 -28.30 -6.42 -1.58
CA LYS B 186 -27.74 -6.44 -2.93
C LYS B 186 -26.56 -5.50 -3.11
N SER B 187 -26.39 -4.50 -2.25
CA SER B 187 -25.17 -3.72 -2.29
C SER B 187 -23.96 -4.53 -1.86
N LEU B 188 -24.17 -5.51 -0.99
CA LEU B 188 -23.13 -6.44 -0.61
C LEU B 188 -22.98 -7.58 -1.62
N ASN B 189 -24.09 -8.09 -2.14
CA ASN B 189 -24.02 -9.14 -3.15
C ASN B 189 -23.32 -8.65 -4.40
N LYS B 190 -23.41 -7.35 -4.68
CA LYS B 190 -22.70 -6.78 -5.82
C LYS B 190 -21.20 -6.93 -5.64
N ILE B 191 -20.67 -6.43 -4.52
CA ILE B 191 -19.25 -6.55 -4.24
C ILE B 191 -18.83 -8.00 -4.20
N ILE B 192 -19.68 -8.87 -3.66
CA ILE B 192 -19.31 -10.27 -3.54
C ILE B 192 -19.27 -10.97 -4.89
N VAL B 193 -20.15 -10.64 -5.83
CA VAL B 193 -20.04 -11.28 -7.12
C VAL B 193 -18.85 -10.73 -7.88
N SER B 194 -18.56 -9.43 -7.75
CA SER B 194 -17.34 -8.91 -8.39
C SER B 194 -16.09 -9.60 -7.84
N LEU B 195 -16.03 -9.80 -6.52
CA LEU B 195 -14.93 -10.54 -5.92
C LEU B 195 -14.88 -11.96 -6.44
N GLY B 196 -16.04 -12.63 -6.50
CA GLY B 196 -16.05 -14.03 -6.88
C GLY B 196 -15.63 -14.24 -8.32
N LYS B 197 -15.81 -13.23 -9.16
CA LYS B 197 -15.26 -13.35 -10.51
C LYS B 197 -13.81 -12.91 -10.60
N ALA B 198 -13.37 -12.00 -9.73
CA ALA B 198 -11.96 -11.64 -9.71
C ALA B 198 -11.08 -12.68 -9.05
N ILE B 199 -11.70 -13.68 -8.43
CA ILE B 199 -10.98 -14.71 -7.72
C ILE B 199 -10.08 -15.60 -8.55
N PRO B 200 -10.53 -16.10 -9.70
CA PRO B 200 -9.58 -16.94 -10.45
C PRO B 200 -8.32 -16.18 -10.86
N GLY B 201 -8.46 -14.96 -11.36
CA GLY B 201 -7.30 -14.20 -11.75
C GLY B 201 -6.43 -13.89 -10.55
N VAL B 202 -7.06 -13.55 -9.44
CA VAL B 202 -6.31 -13.22 -8.25
C VAL B 202 -5.55 -14.41 -7.73
N ALA B 203 -6.16 -15.59 -7.79
CA ALA B 203 -5.59 -16.83 -7.38
C ALA B 203 -4.41 -17.15 -8.25
N ASN B 204 -4.49 -16.91 -9.54
CA ASN B 204 -3.33 -17.14 -10.39
C ASN B 204 -2.19 -16.23 -10.01
N ALA B 205 -2.51 -14.98 -9.72
CA ALA B 205 -1.45 -14.07 -9.29
C ALA B 205 -0.84 -14.54 -7.98
N PHE B 206 -1.66 -15.01 -7.06
CA PHE B 206 -1.18 -15.52 -5.80
C PHE B 206 -0.32 -16.72 -6.02
N VAL B 207 -0.67 -17.60 -6.93
CA VAL B 207 0.17 -18.77 -7.19
C VAL B 207 1.50 -18.35 -7.75
N ILE B 208 1.55 -17.34 -8.61
CA ILE B 208 2.86 -16.91 -9.09
C ILE B 208 3.67 -16.34 -7.96
N MET B 209 3.01 -15.55 -7.10
CA MET B 209 3.71 -14.98 -5.99
C MET B 209 4.20 -16.05 -5.04
N VAL B 210 3.41 -17.07 -4.81
CA VAL B 210 3.80 -18.14 -3.94
C VAL B 210 4.98 -18.86 -4.50
N ILE B 211 5.00 -19.09 -5.81
CA ILE B 211 6.15 -19.77 -6.38
C ILE B 211 7.39 -18.93 -6.20
N ILE B 212 7.30 -17.62 -6.40
CA ILE B 212 8.50 -16.81 -6.17
C ILE B 212 8.94 -16.78 -4.72
N MET B 213 7.98 -16.77 -3.79
CA MET B 213 8.32 -16.80 -2.38
C MET B 213 9.00 -18.11 -2.05
N CYS B 214 8.53 -19.21 -2.63
CA CYS B 214 9.12 -20.52 -2.43
C CYS B 214 10.51 -20.52 -2.95
N ILE B 215 10.77 -19.90 -4.09
CA ILE B 215 12.14 -19.87 -4.57
C ILE B 215 13.04 -19.13 -3.59
N TYR B 216 12.56 -18.00 -3.07
CA TYR B 216 13.37 -17.30 -2.08
C TYR B 216 13.58 -18.11 -0.82
N ALA B 217 12.58 -18.86 -0.39
CA ALA B 217 12.65 -19.71 0.78
C ALA B 217 13.66 -20.79 0.59
N ILE B 218 13.71 -21.34 -0.62
CA ILE B 218 14.65 -22.37 -1.02
C ILE B 218 16.05 -21.83 -1.00
N LEU B 219 16.23 -20.57 -1.41
CA LEU B 219 17.55 -19.96 -1.43
C LEU B 219 17.98 -19.58 -0.04
N GLY B 220 17.12 -18.86 0.69
CA GLY B 220 17.39 -18.42 2.04
C GLY B 220 17.88 -19.54 2.93
N VAL B 221 17.27 -20.72 2.84
CA VAL B 221 17.78 -21.87 3.59
C VAL B 221 19.15 -22.27 3.09
N GLU B 222 19.41 -22.13 1.79
CA GLU B 222 20.71 -22.51 1.27
C GLU B 222 21.80 -21.61 1.81
N PHE B 223 21.58 -20.30 1.79
CA PHE B 223 22.59 -19.32 2.17
C PHE B 223 22.62 -19.05 3.66
N TYR B 224 21.51 -18.53 4.20
CA TYR B 224 21.48 -17.93 5.52
C TYR B 224 21.02 -18.88 6.61
N HIS B 225 21.13 -20.18 6.40
CA HIS B 225 20.74 -21.09 7.47
C HIS B 225 21.86 -21.31 8.47
N MET B 226 22.97 -20.60 8.33
CA MET B 226 24.08 -20.76 9.28
C MET B 226 24.57 -19.44 9.85
N THR B 227 23.87 -18.34 9.60
CA THR B 227 24.26 -17.06 10.19
C THR B 227 24.09 -17.12 11.70
N GLY B 228 24.99 -16.44 12.41
CA GLY B 228 24.94 -16.42 13.85
C GLY B 228 25.48 -17.65 14.53
N SER B 229 25.96 -18.64 13.77
CA SER B 229 26.47 -19.89 14.33
C SER B 229 27.64 -19.63 15.27
N TYR B 269 19.01 -20.80 19.56
CA TYR B 269 18.66 -20.35 18.22
C TYR B 269 19.47 -19.13 17.81
N THR B 270 20.09 -19.21 16.63
CA THR B 270 20.75 -18.07 16.03
C THR B 270 19.74 -17.35 15.16
N TYR B 271 20.18 -16.33 14.42
CA TYR B 271 19.28 -15.79 13.40
C TYR B 271 19.07 -16.75 12.23
N GLY B 272 20.12 -17.42 11.81
CA GLY B 272 20.02 -18.43 10.79
C GLY B 272 19.09 -19.55 11.19
N GLU B 273 19.49 -20.32 12.18
CA GLU B 273 18.73 -21.47 12.62
C GLU B 273 17.27 -21.24 12.89
N GLU B 274 16.89 -20.01 13.18
CA GLU B 274 15.51 -19.68 13.48
C GLU B 274 14.69 -19.00 12.39
N TYR B 275 15.29 -18.07 11.66
CA TYR B 275 14.56 -17.36 10.63
C TYR B 275 14.74 -17.96 9.26
N TYR B 276 15.80 -18.74 9.03
CA TYR B 276 16.00 -19.49 7.81
C TYR B 276 16.36 -20.93 8.06
N GLY B 277 16.06 -21.43 9.25
CA GLY B 277 16.48 -22.78 9.60
C GLY B 277 16.08 -23.91 8.69
N THR B 278 14.81 -23.93 8.28
CA THR B 278 14.28 -24.91 7.34
C THR B 278 13.46 -24.17 6.30
N PHE B 279 12.82 -24.91 5.41
CA PHE B 279 12.13 -24.27 4.29
C PHE B 279 10.90 -23.52 4.74
N PHE B 280 10.24 -24.00 5.80
CA PHE B 280 9.02 -23.34 6.23
C PHE B 280 9.30 -22.18 7.17
N ARG B 281 10.36 -22.24 7.97
CA ARG B 281 10.80 -21.07 8.69
C ARG B 281 11.21 -19.96 7.74
N ALA B 282 11.85 -20.31 6.62
CA ALA B 282 12.24 -19.30 5.65
C ALA B 282 11.03 -18.77 4.90
N LEU B 283 10.11 -19.65 4.51
CA LEU B 283 8.90 -19.20 3.83
C LEU B 283 8.09 -18.28 4.72
N TYR B 284 8.06 -18.56 6.03
CA TYR B 284 7.32 -17.74 6.97
C TYR B 284 8.03 -16.42 7.23
N THR B 285 9.37 -16.44 7.32
CA THR B 285 10.13 -15.21 7.41
C THR B 285 9.87 -14.30 6.22
N LEU B 286 9.87 -14.85 5.02
CA LEU B 286 9.62 -14.04 3.85
C LEU B 286 8.18 -13.59 3.76
N PHE B 287 7.24 -14.35 4.32
CA PHE B 287 5.87 -13.83 4.33
C PHE B 287 5.74 -12.68 5.31
N GLN B 288 6.37 -12.77 6.48
CA GLN B 288 6.41 -11.63 7.38
C GLN B 288 7.01 -10.42 6.70
N VAL B 289 8.21 -10.57 6.12
CA VAL B 289 8.87 -9.48 5.43
C VAL B 289 8.00 -8.92 4.32
N LEU B 290 7.25 -9.78 3.65
CA LEU B 290 6.40 -9.33 2.54
C LEU B 290 5.35 -8.35 3.02
N THR B 291 4.78 -8.60 4.20
CA THR B 291 3.77 -7.74 4.78
C THR B 291 4.36 -6.70 5.74
N GLY B 292 5.57 -6.24 5.49
CA GLY B 292 6.15 -5.20 6.30
C GLY B 292 6.69 -5.46 7.68
N GLU B 293 7.42 -6.55 7.87
CA GLU B 293 8.06 -6.81 9.16
C GLU B 293 9.57 -6.62 9.29
N SER B 294 10.11 -5.55 8.73
CA SER B 294 11.40 -5.01 9.17
C SER B 294 12.51 -6.06 9.04
N TRP B 295 12.83 -6.40 7.79
CA TRP B 295 13.94 -7.29 7.50
C TRP B 295 15.24 -6.51 7.61
N SER B 296 15.48 -5.80 8.72
CA SER B 296 16.59 -4.86 8.80
C SER B 296 17.43 -5.53 9.88
N GLU B 297 16.85 -6.49 10.62
CA GLU B 297 17.67 -7.23 11.58
C GLU B 297 18.44 -8.35 10.91
N ALA B 298 17.97 -8.80 9.74
CA ALA B 298 18.68 -9.85 9.00
C ALA B 298 20.00 -9.33 8.46
N VAL B 299 20.01 -8.09 7.99
CA VAL B 299 21.17 -7.49 7.36
C VAL B 299 21.94 -6.71 8.41
N ALA B 300 23.21 -7.08 8.62
CA ALA B 300 24.06 -6.43 9.60
C ALA B 300 24.95 -5.42 8.90
N ARG B 301 24.72 -4.14 9.17
CA ARG B 301 25.48 -3.08 8.51
C ARG B 301 26.98 -3.19 8.70
N PRO B 302 27.52 -3.49 9.88
CA PRO B 302 28.99 -3.67 9.97
C PRO B 302 29.50 -4.71 8.99
N ALA B 303 28.83 -5.85 8.88
CA ALA B 303 29.30 -6.89 7.98
C ALA B 303 29.11 -6.50 6.52
N VAL B 304 28.02 -5.80 6.20
CA VAL B 304 27.73 -5.50 4.80
C VAL B 304 28.63 -4.39 4.28
N PHE B 305 28.88 -3.37 5.09
CA PHE B 305 29.62 -2.19 4.64
C PHE B 305 31.05 -2.16 5.13
N GLU B 306 31.28 -2.38 6.43
CA GLU B 306 32.63 -2.30 6.98
C GLU B 306 33.53 -3.36 6.37
N SER B 307 33.02 -4.56 6.15
CA SER B 307 33.78 -5.61 5.51
C SER B 307 34.02 -5.28 4.04
N HIS B 308 34.70 -6.18 3.34
CA HIS B 308 35.02 -5.93 1.96
C HIS B 308 33.78 -6.04 1.08
N TYR B 309 33.99 -5.88 -0.22
CA TYR B 309 32.88 -5.71 -1.16
C TYR B 309 32.17 -7.01 -1.51
N ASP B 310 32.41 -8.10 -0.80
CA ASP B 310 31.79 -9.38 -1.14
C ASP B 310 30.55 -9.76 -0.33
N SER B 311 30.19 -8.99 0.70
CA SER B 311 29.23 -9.45 1.69
C SER B 311 27.87 -8.76 1.62
N PHE B 312 27.54 -8.08 0.53
CA PHE B 312 26.23 -7.44 0.40
C PHE B 312 25.20 -8.37 -0.24
N GLY B 313 25.47 -9.68 -0.22
CA GLY B 313 24.50 -10.66 -0.64
C GLY B 313 23.15 -10.57 0.02
N PRO B 314 23.07 -10.49 1.35
CA PRO B 314 21.76 -10.33 2.00
C PRO B 314 21.06 -9.03 1.64
N VAL B 315 21.80 -7.95 1.41
CA VAL B 315 21.19 -6.72 0.92
C VAL B 315 20.54 -6.98 -0.42
N LEU B 316 21.24 -7.65 -1.33
CA LEU B 316 20.66 -7.94 -2.64
C LEU B 316 19.46 -8.86 -2.51
N PHE B 317 19.55 -9.87 -1.66
CA PHE B 317 18.46 -10.80 -1.39
C PHE B 317 17.20 -10.05 -1.00
N TYR B 318 17.30 -9.21 0.03
CA TYR B 318 16.10 -8.58 0.56
C TYR B 318 15.62 -7.44 -0.33
N VAL B 319 16.53 -6.72 -0.99
CA VAL B 319 16.10 -5.67 -1.89
C VAL B 319 15.36 -6.26 -3.08
N SER B 320 15.89 -7.33 -3.65
CA SER B 320 15.24 -7.97 -4.79
C SER B 320 13.91 -8.58 -4.37
N PHE B 321 13.87 -9.26 -3.21
CA PHE B 321 12.60 -9.81 -2.75
C PHE B 321 11.57 -8.71 -2.57
N ILE B 322 11.94 -7.64 -1.85
CA ILE B 322 11.01 -6.55 -1.62
C ILE B 322 10.48 -6.01 -2.94
N ILE B 323 11.38 -5.60 -3.84
CA ILE B 323 10.97 -5.05 -5.12
C ILE B 323 10.01 -6.02 -5.79
N ILE B 324 10.52 -7.20 -6.18
CA ILE B 324 9.76 -8.12 -7.00
C ILE B 324 8.46 -8.66 -6.44
N CYS B 325 8.47 -9.03 -5.16
CA CYS B 325 7.31 -9.71 -4.60
C CYS B 325 6.45 -8.55 -4.13
N GLN B 326 6.92 -7.79 -3.13
CA GLN B 326 6.07 -6.78 -2.53
C GLN B 326 5.55 -5.61 -3.36
N ILE B 327 6.28 -5.22 -4.41
CA ILE B 327 5.93 -3.99 -5.12
C ILE B 327 5.25 -4.62 -6.32
N VAL B 328 6.02 -5.35 -7.14
CA VAL B 328 5.52 -5.72 -8.45
C VAL B 328 4.37 -6.73 -8.32
N LEU B 329 4.53 -7.75 -7.48
CA LEU B 329 3.54 -8.81 -7.50
C LEU B 329 2.32 -8.47 -6.66
N ILE B 330 2.47 -7.76 -5.54
CA ILE B 330 1.25 -7.36 -4.86
C ILE B 330 0.49 -6.35 -5.69
N ASN B 331 1.19 -5.50 -6.47
CA ASN B 331 0.46 -4.61 -7.34
C ASN B 331 -0.09 -5.32 -8.57
N VAL B 332 0.46 -6.49 -8.92
CA VAL B 332 -0.18 -7.32 -9.95
C VAL B 332 -1.49 -7.88 -9.42
N VAL B 333 -1.50 -8.32 -8.16
CA VAL B 333 -2.76 -8.76 -7.56
C VAL B 333 -3.76 -7.62 -7.54
N VAL B 334 -3.31 -6.42 -7.16
CA VAL B 334 -4.17 -5.25 -7.21
C VAL B 334 -4.72 -5.05 -8.62
N ALA B 335 -3.83 -5.10 -9.63
CA ALA B 335 -4.24 -4.84 -11.01
C ALA B 335 -5.33 -5.80 -11.46
N VAL B 336 -5.17 -7.08 -11.16
CA VAL B 336 -6.22 -8.06 -11.46
C VAL B 336 -7.52 -7.65 -10.79
N LEU B 337 -7.43 -7.32 -9.50
CA LEU B 337 -8.60 -6.96 -8.72
C LEU B 337 -9.33 -5.77 -9.35
N LEU B 338 -8.59 -4.72 -9.70
CA LEU B 338 -9.22 -3.52 -10.24
C LEU B 338 -9.78 -3.75 -11.63
N ASP B 339 -9.06 -4.52 -12.46
CA ASP B 339 -9.56 -4.79 -13.80
C ASP B 339 -10.91 -5.48 -13.72
N LYS B 340 -11.02 -6.50 -12.85
CA LYS B 340 -12.32 -7.17 -12.76
C LYS B 340 -13.37 -6.29 -12.08
N MET B 341 -12.97 -5.54 -11.06
CA MET B 341 -13.92 -4.73 -10.31
C MET B 341 -14.49 -3.60 -11.14
N VAL B 342 -13.73 -3.11 -12.12
CA VAL B 342 -14.25 -2.07 -13.00
C VAL B 342 -14.83 -2.63 -14.31
N GLU B 343 -14.46 -3.85 -14.69
CA GLU B 343 -15.09 -4.47 -15.84
C GLU B 343 -16.50 -4.92 -15.50
N GLU B 344 -16.69 -5.48 -14.31
CA GLU B 344 -18.00 -5.94 -13.89
C GLU B 344 -18.65 -4.98 -12.91
N PRO C 49 -25.52 26.90 -10.80
CA PRO C 49 -26.91 26.47 -10.57
C PRO C 49 -27.90 27.61 -10.70
N PRO C 50 -29.08 27.34 -11.25
CA PRO C 50 -30.08 28.37 -11.42
C PRO C 50 -31.00 28.44 -10.22
N PRO C 51 -31.30 29.64 -9.73
CA PRO C 51 -32.30 29.80 -8.67
C PRO C 51 -33.71 29.79 -9.26
N ARG C 52 -34.44 28.71 -9.02
CA ARG C 52 -35.77 28.60 -9.60
C ARG C 52 -36.89 28.56 -8.57
N LYS C 53 -36.65 28.01 -7.39
CA LYS C 53 -37.70 27.92 -6.38
C LYS C 53 -37.72 29.11 -5.44
N VAL C 54 -36.66 29.91 -5.40
CA VAL C 54 -36.52 30.99 -4.42
C VAL C 54 -37.15 32.24 -5.03
N VAL C 55 -38.47 32.37 -4.88
CA VAL C 55 -39.14 33.57 -5.35
C VAL C 55 -38.83 34.73 -4.42
N PHE C 56 -39.00 35.95 -4.94
CA PHE C 56 -38.44 37.15 -4.32
C PHE C 56 -39.50 37.91 -3.53
N TRP C 57 -39.45 37.78 -2.21
CA TRP C 57 -40.28 38.59 -1.31
C TRP C 57 -39.59 39.86 -0.87
N LEU C 58 -38.28 39.82 -0.72
CA LEU C 58 -37.49 40.88 -0.14
C LEU C 58 -37.25 42.00 -1.15
N PRO C 59 -37.04 43.23 -0.67
CA PRO C 59 -36.95 44.37 -1.61
C PRO C 59 -35.81 44.25 -2.60
N HIS C 60 -34.60 43.93 -2.14
CA HIS C 60 -33.43 43.93 -3.00
C HIS C 60 -32.84 42.56 -3.26
N GLN C 61 -33.68 41.53 -3.19
CA GLN C 61 -33.15 40.17 -3.19
C GLN C 61 -32.31 39.75 -4.39
N ARG C 62 -32.77 40.05 -5.60
CA ARG C 62 -32.04 39.62 -6.79
C ARG C 62 -30.66 40.27 -6.87
N LYS C 63 -30.51 41.45 -6.27
CA LYS C 63 -29.23 42.14 -6.32
C LYS C 63 -28.25 41.56 -5.31
N VAL C 64 -28.68 41.49 -4.04
CA VAL C 64 -27.81 40.95 -2.99
C VAL C 64 -27.48 39.48 -3.26
N PHE C 65 -28.41 38.73 -3.84
CA PHE C 65 -28.15 37.33 -4.10
C PHE C 65 -26.98 37.15 -5.05
N ASP C 66 -27.10 37.67 -6.26
CA ASP C 66 -26.01 37.55 -7.22
C ASP C 66 -24.80 38.38 -6.83
N PHE C 67 -24.92 39.26 -5.83
CA PHE C 67 -23.71 39.84 -5.25
C PHE C 67 -22.97 38.81 -4.42
N TYR C 68 -23.68 38.08 -3.57
CA TYR C 68 -23.00 37.07 -2.74
C TYR C 68 -22.46 35.95 -3.60
N ALA C 69 -23.22 35.48 -4.58
CA ALA C 69 -22.78 34.35 -5.38
C ALA C 69 -21.69 34.71 -6.38
N SER C 70 -21.29 35.97 -6.47
CA SER C 70 -20.23 36.34 -7.38
C SER C 70 -18.91 35.72 -6.95
N GLN C 71 -18.05 35.44 -7.93
CA GLN C 71 -16.79 34.75 -7.64
C GLN C 71 -15.88 35.58 -6.74
N GLY C 72 -15.99 36.91 -6.82
CA GLY C 72 -15.19 37.74 -5.93
C GLY C 72 -15.52 37.51 -4.47
N VAL C 73 -16.81 37.50 -4.13
CA VAL C 73 -17.21 37.27 -2.75
C VAL C 73 -16.90 35.84 -2.33
N GLN C 74 -17.02 34.89 -3.26
CA GLN C 74 -16.66 33.52 -2.94
C GLN C 74 -15.19 33.41 -2.56
N TYR C 75 -14.31 34.08 -3.30
CA TYR C 75 -12.89 33.97 -2.97
C TYR C 75 -12.52 34.82 -1.76
N PHE C 76 -13.24 35.90 -1.48
CA PHE C 76 -13.01 36.61 -0.23
C PHE C 76 -13.43 35.77 0.97
N THR C 77 -14.55 35.07 0.86
CA THR C 77 -14.98 34.21 1.96
C THR C 77 -14.08 32.99 2.08
N ALA C 78 -13.51 32.52 0.98
CA ALA C 78 -12.49 31.49 1.07
C ALA C 78 -11.25 32.01 1.79
N PHE C 79 -10.91 33.26 1.56
CA PHE C 79 -9.82 33.88 2.32
C PHE C 79 -10.15 33.88 3.80
N LEU C 80 -11.37 34.28 4.17
CA LEU C 80 -11.73 34.32 5.59
C LEU C 80 -11.74 32.93 6.20
N ILE C 81 -12.20 31.93 5.45
CA ILE C 81 -12.22 30.56 5.96
C ILE C 81 -10.81 30.06 6.22
N VAL C 82 -9.90 30.27 5.26
CA VAL C 82 -8.54 29.78 5.43
C VAL C 82 -7.82 30.55 6.54
N SER C 83 -8.06 31.84 6.65
CA SER C 83 -7.43 32.59 7.73
C SER C 83 -7.97 32.19 9.10
N ASN C 84 -9.25 31.85 9.20
CA ASN C 84 -9.76 31.42 10.48
C ASN C 84 -9.24 30.03 10.84
N PHE C 85 -9.09 29.15 9.85
CA PHE C 85 -8.46 27.86 10.13
C PHE C 85 -7.03 28.03 10.59
N ILE C 86 -6.29 28.94 9.95
CA ILE C 86 -4.91 29.19 10.37
C ILE C 86 -4.89 29.86 11.73
N PHE C 87 -5.95 30.57 12.10
CA PHE C 87 -6.01 31.13 13.44
C PHE C 87 -6.22 30.04 14.49
N ASN C 88 -7.04 29.04 14.16
CA ASN C 88 -7.19 27.90 15.05
C ASN C 88 -5.87 27.14 15.21
N CYS C 89 -5.19 26.90 14.10
CA CYS C 89 -3.90 26.21 14.14
C CYS C 89 -2.87 27.02 14.91
N ALA C 90 -2.89 28.35 14.77
CA ALA C 90 -1.96 29.19 15.51
C ALA C 90 -2.26 29.16 17.00
N GLU C 91 -3.54 29.10 17.38
CA GLU C 91 -3.86 28.96 18.80
C GLU C 91 -3.34 27.64 19.34
N LYS C 92 -3.49 26.57 18.57
CA LYS C 92 -3.05 25.27 19.06
C LYS C 92 -1.55 25.09 19.05
N GLU C 93 -0.83 25.87 18.25
CA GLU C 93 0.63 25.74 18.23
C GLU C 93 1.31 26.73 19.18
N TRP C 94 0.95 28.00 19.14
CA TRP C 94 1.62 29.01 19.93
C TRP C 94 1.01 29.20 21.31
N ASP C 95 -0.08 28.52 21.60
CA ASP C 95 -0.70 28.64 22.91
C ASP C 95 -1.63 27.46 23.18
N PRO C 96 -1.10 26.23 23.32
CA PRO C 96 -1.98 25.09 23.50
C PRO C 96 -2.38 24.82 24.94
N TYR C 97 -1.82 25.54 25.90
CA TYR C 97 -2.01 25.22 27.30
C TYR C 97 -3.46 25.44 27.72
N THR C 98 -3.81 24.84 28.86
CA THR C 98 -5.14 25.03 29.41
C THR C 98 -5.30 26.41 30.02
N ASP C 99 -4.24 26.93 30.64
CA ASP C 99 -4.20 28.29 31.15
C ASP C 99 -3.49 29.14 30.10
N GLN C 100 -4.26 29.58 29.10
CA GLN C 100 -3.69 30.23 27.94
C GLN C 100 -3.00 31.54 28.32
N LEU C 101 -1.94 31.87 27.58
CA LEU C 101 -1.26 33.14 27.79
C LEU C 101 -2.06 34.28 27.16
N TYR C 102 -2.23 34.20 25.85
CA TYR C 102 -2.85 35.25 25.13
C TYR C 102 -4.23 34.89 25.02
N GLN C 103 -4.85 34.57 26.12
CA GLN C 103 -6.20 34.14 26.06
C GLN C 103 -7.13 35.10 25.46
N GLY C 104 -6.93 36.34 25.67
CA GLY C 104 -7.90 37.20 25.11
C GLY C 104 -7.79 37.12 23.65
N LEU C 105 -6.59 37.23 23.17
CA LEU C 105 -6.37 37.25 21.74
C LEU C 105 -7.24 36.22 21.03
N TRP C 106 -7.18 34.95 21.47
CA TRP C 106 -7.95 33.92 20.80
C TRP C 106 -9.44 34.14 21.00
N ARG C 107 -9.85 34.59 22.19
CA ARG C 107 -11.26 34.84 22.45
C ARG C 107 -11.83 35.89 21.49
N TRP C 108 -11.20 37.06 21.45
CA TRP C 108 -11.71 38.12 20.58
C TRP C 108 -11.47 37.82 19.11
N GLY C 109 -10.44 37.04 18.78
CA GLY C 109 -10.23 36.69 17.39
C GLY C 109 -11.32 35.79 16.85
N GLU C 110 -11.67 34.75 17.61
CA GLU C 110 -12.77 33.92 17.16
C GLU C 110 -14.11 34.63 17.32
N PHE C 111 -14.21 35.57 18.25
CA PHE C 111 -15.38 36.45 18.29
C PHE C 111 -15.55 37.17 16.95
N ALA C 112 -14.49 37.82 16.48
CA ALA C 112 -14.56 38.58 15.25
C ALA C 112 -14.81 37.69 14.04
N PHE C 113 -14.12 36.54 13.97
CA PHE C 113 -14.35 35.65 12.85
C PHE C 113 -15.77 35.11 12.85
N ASN C 114 -16.32 34.81 14.03
CA ASN C 114 -17.67 34.28 14.07
C ASN C 114 -18.70 35.35 13.74
N THR C 115 -18.49 36.60 14.14
CA THR C 115 -19.47 37.61 13.76
C THR C 115 -19.38 37.92 12.28
N MET C 116 -18.18 37.83 11.69
CA MET C 116 -18.08 37.99 10.25
C MET C 116 -18.81 36.86 9.53
N PHE C 117 -18.69 35.63 10.05
CA PHE C 117 -19.41 34.53 9.41
C PHE C 117 -20.90 34.61 9.63
N LEU C 118 -21.33 35.18 10.77
CA LEU C 118 -22.75 35.43 10.99
C LEU C 118 -23.27 36.48 10.01
N ILE C 119 -22.51 37.54 9.78
CA ILE C 119 -22.88 38.55 8.80
C ILE C 119 -22.96 37.93 7.41
N GLU C 120 -22.01 37.05 7.07
CA GLU C 120 -22.02 36.41 5.76
C GLU C 120 -23.23 35.50 5.60
N LEU C 121 -23.57 34.75 6.65
CA LEU C 121 -24.75 33.89 6.57
C LEU C 121 -26.02 34.71 6.46
N LEU C 122 -26.09 35.85 7.13
CA LEU C 122 -27.25 36.70 6.98
C LEU C 122 -27.33 37.28 5.56
N ILE C 123 -26.20 37.68 4.99
CA ILE C 123 -26.18 38.14 3.60
C ILE C 123 -26.72 37.05 2.69
N ASN C 124 -26.24 35.82 2.87
CA ASN C 124 -26.69 34.71 2.03
C ASN C 124 -28.19 34.49 2.16
N PHE C 125 -28.68 34.37 3.39
CA PHE C 125 -30.07 34.02 3.60
C PHE C 125 -31.01 35.15 3.17
N TYR C 126 -30.59 36.41 3.36
CA TYR C 126 -31.29 37.51 2.72
C TYR C 126 -31.28 37.34 1.21
N GLY C 127 -30.19 36.80 0.67
CA GLY C 127 -30.10 36.58 -0.76
C GLY C 127 -31.16 35.65 -1.28
N ILE C 128 -31.43 34.56 -0.56
CA ILE C 128 -32.44 33.61 -1.04
C ILE C 128 -33.64 33.49 -0.12
N ALA C 129 -34.02 34.60 0.52
CA ALA C 129 -35.28 34.70 1.28
C ALA C 129 -35.30 33.79 2.50
N PHE C 130 -34.16 33.65 3.16
CA PHE C 130 -34.05 32.93 4.42
C PHE C 130 -34.63 31.52 4.36
N CYS C 131 -34.85 30.99 3.15
CA CYS C 131 -35.41 29.66 3.02
C CYS C 131 -34.34 28.59 3.25
N PHE C 132 -33.26 28.64 2.49
CA PHE C 132 -32.10 27.76 2.57
C PHE C 132 -32.47 26.28 2.46
N TRP C 133 -33.68 25.99 2.01
CA TRP C 133 -34.05 24.62 1.74
C TRP C 133 -34.20 24.48 0.21
N ARG C 134 -34.53 25.58 -0.48
CA ARG C 134 -34.69 25.54 -1.92
C ARG C 134 -33.34 25.57 -2.63
N TYR C 135 -32.54 26.59 -2.39
CA TYR C 135 -31.26 26.76 -3.08
C TYR C 135 -30.13 26.32 -2.16
N ASN C 136 -29.30 25.41 -2.65
CA ASN C 136 -28.07 25.00 -1.97
C ASN C 136 -28.37 24.53 -0.54
N TRP C 137 -29.29 23.58 -0.43
CA TRP C 137 -29.80 23.21 0.88
C TRP C 137 -28.73 22.58 1.77
N ALA C 138 -27.84 21.79 1.17
CA ALA C 138 -26.84 21.08 1.97
C ALA C 138 -25.80 22.04 2.53
N TRP C 139 -25.23 22.88 1.67
CA TRP C 139 -24.21 23.80 2.14
C TRP C 139 -24.80 24.89 3.01
N ASN C 140 -26.01 25.34 2.72
CA ASN C 140 -26.67 26.30 3.61
C ASN C 140 -26.97 25.68 4.96
N THR C 141 -27.31 24.40 4.99
CA THR C 141 -27.53 23.72 6.26
C THR C 141 -26.24 23.62 7.06
N PHE C 142 -25.14 23.25 6.41
CA PHE C 142 -23.85 23.19 7.10
C PHE C 142 -23.44 24.56 7.62
N ASP C 143 -23.62 25.60 6.79
CA ASP C 143 -23.30 26.95 7.22
C ASP C 143 -24.12 27.35 8.44
N LEU C 144 -25.41 27.08 8.41
CA LEU C 144 -26.27 27.41 9.54
C LEU C 144 -25.82 26.67 10.79
N VAL C 145 -25.49 25.40 10.66
CA VAL C 145 -25.07 24.61 11.82
C VAL C 145 -23.82 25.23 12.45
N VAL C 146 -22.79 25.47 11.63
CA VAL C 146 -21.53 25.95 12.21
C VAL C 146 -21.69 27.35 12.79
N VAL C 147 -22.47 28.20 12.12
CA VAL C 147 -22.64 29.56 12.64
C VAL C 147 -23.49 29.56 13.90
N ALA C 148 -24.46 28.66 14.00
CA ALA C 148 -25.25 28.54 15.22
C ALA C 148 -24.37 28.11 16.39
N ILE C 149 -23.55 27.08 16.18
CA ILE C 149 -22.67 26.62 17.26
C ILE C 149 -21.70 27.74 17.66
N GLY C 150 -21.16 28.44 16.67
CA GLY C 150 -20.24 29.52 16.97
C GLY C 150 -20.89 30.63 17.79
N THR C 151 -22.08 31.07 17.38
CA THR C 151 -22.73 32.16 18.09
C THR C 151 -23.20 31.72 19.47
N LEU C 152 -23.52 30.44 19.63
CA LEU C 152 -23.83 29.92 20.96
C LEU C 152 -22.61 30.03 21.88
N THR C 153 -21.46 29.56 21.39
CA THR C 153 -20.23 29.68 22.18
C THR C 153 -19.88 31.14 22.44
N MET C 154 -20.15 32.03 21.48
CA MET C 154 -19.88 33.45 21.68
C MET C 154 -20.72 34.01 22.82
N ALA C 155 -22.04 33.79 22.75
CA ALA C 155 -22.94 34.31 23.76
C ALA C 155 -22.59 33.78 25.14
N GLU C 156 -22.23 32.50 25.23
CA GLU C 156 -21.87 31.97 26.54
C GLU C 156 -20.50 32.43 27.01
N ALA C 157 -19.56 32.67 26.09
CA ALA C 157 -18.22 33.07 26.51
C ALA C 157 -18.20 34.51 26.98
N ILE C 158 -19.09 35.36 26.46
CA ILE C 158 -19.12 36.74 26.93
C ILE C 158 -20.14 36.93 28.05
N GLY C 159 -21.26 36.21 28.02
CA GLY C 159 -22.28 36.42 29.02
C GLY C 159 -22.62 35.21 29.88
N GLY C 160 -21.62 34.44 30.27
CA GLY C 160 -21.84 33.34 31.22
C GLY C 160 -22.21 32.05 30.54
N ASN C 161 -21.68 30.95 31.09
CA ASN C 161 -21.86 29.63 30.51
C ASN C 161 -23.26 29.12 30.86
N PHE C 162 -24.20 29.26 29.92
CA PHE C 162 -25.55 28.76 30.13
C PHE C 162 -25.60 27.24 29.99
N MET C 163 -24.80 26.66 29.04
CA MET C 163 -24.87 25.23 28.79
C MET C 163 -23.97 24.47 29.76
N PRO C 164 -24.16 23.15 29.88
CA PRO C 164 -23.24 22.37 30.73
C PRO C 164 -21.84 22.40 30.17
N PRO C 165 -20.83 22.22 31.03
CA PRO C 165 -19.45 22.21 30.53
C PRO C 165 -19.09 20.94 29.77
N SER C 166 -19.72 19.81 30.04
CA SER C 166 -19.43 18.59 29.31
C SER C 166 -20.00 18.61 27.90
N MET C 167 -20.78 19.64 27.57
CA MET C 167 -21.16 19.97 26.20
C MET C 167 -19.98 20.51 25.41
N ALA C 168 -18.87 20.84 26.10
CA ALA C 168 -17.74 21.54 25.52
C ALA C 168 -17.17 20.87 24.29
N LEU C 169 -17.52 19.61 24.01
CA LEU C 169 -17.03 18.97 22.80
C LEU C 169 -17.43 19.77 21.57
N ILE C 170 -18.62 20.39 21.59
CA ILE C 170 -19.02 21.16 20.42
C ILE C 170 -18.18 22.41 20.25
N ARG C 171 -17.53 22.88 21.30
CA ARG C 171 -16.63 24.02 21.20
C ARG C 171 -15.38 23.64 20.41
N ASN C 172 -15.37 22.41 19.86
CA ASN C 172 -14.29 21.97 18.99
C ASN C 172 -14.75 21.79 17.54
N LEU C 173 -15.93 22.29 17.18
CA LEU C 173 -16.33 22.22 15.79
C LEU C 173 -15.89 23.40 14.96
N ARG C 174 -15.27 24.42 15.59
CA ARG C 174 -14.71 25.51 14.81
C ARG C 174 -13.81 24.98 13.70
N ALA C 175 -12.98 24.00 14.02
CA ALA C 175 -12.05 23.43 13.04
C ALA C 175 -12.74 22.97 11.77
N PHE C 176 -14.02 22.65 11.83
CA PHE C 176 -14.71 22.10 10.66
C PHE C 176 -15.29 23.17 9.75
N ARG C 177 -15.24 24.45 10.15
CA ARG C 177 -15.62 25.50 9.22
C ARG C 177 -14.81 25.41 7.93
N ILE C 178 -13.57 24.92 8.01
CA ILE C 178 -12.72 24.80 6.84
C ILE C 178 -13.37 23.96 5.75
N PHE C 179 -14.30 23.07 6.10
CA PHE C 179 -14.91 22.24 5.07
C PHE C 179 -15.71 23.09 4.10
N ARG C 180 -16.15 24.28 4.51
CA ARG C 180 -16.87 25.16 3.60
C ARG C 180 -15.98 25.62 2.46
N LEU C 181 -14.66 25.65 2.69
CA LEU C 181 -13.73 25.94 1.60
C LEU C 181 -13.90 24.98 0.44
N PHE C 182 -14.22 23.72 0.74
CA PHE C 182 -14.39 22.74 -0.33
C PHE C 182 -15.58 23.04 -1.22
N LYS C 183 -16.27 24.16 -0.98
CA LYS C 183 -17.34 24.60 -1.85
C LYS C 183 -16.90 25.71 -2.80
N ARG C 184 -15.92 26.52 -2.39
CA ARG C 184 -15.46 27.65 -3.19
C ARG C 184 -14.36 27.25 -4.17
N ILE C 185 -13.32 26.58 -3.67
CA ILE C 185 -12.21 26.17 -4.52
C ILE C 185 -12.67 24.96 -5.32
N LYS C 186 -12.92 25.15 -6.62
CA LYS C 186 -13.52 24.09 -7.42
C LYS C 186 -12.56 22.95 -7.72
N SER C 187 -11.25 23.16 -7.61
CA SER C 187 -10.34 22.03 -7.71
C SER C 187 -10.49 21.09 -6.51
N LEU C 188 -10.88 21.63 -5.36
CA LEU C 188 -11.17 20.81 -4.20
C LEU C 188 -12.58 20.26 -4.24
N ASN C 189 -13.55 21.07 -4.68
CA ASN C 189 -14.92 20.58 -4.80
C ASN C 189 -15.02 19.43 -5.79
N LYS C 190 -14.14 19.42 -6.80
CA LYS C 190 -14.10 18.31 -7.74
C LYS C 190 -13.76 17.01 -7.03
N ILE C 191 -12.64 16.99 -6.31
CA ILE C 191 -12.24 15.80 -5.58
C ILE C 191 -13.30 15.42 -4.57
N ILE C 192 -13.92 16.41 -3.92
CA ILE C 192 -14.91 16.10 -2.90
C ILE C 192 -16.19 15.52 -3.49
N VAL C 193 -16.63 15.96 -4.66
CA VAL C 193 -17.81 15.31 -5.22
C VAL C 193 -17.47 13.91 -5.72
N SER C 194 -16.28 13.71 -6.29
CA SER C 194 -15.89 12.36 -6.67
C SER C 194 -15.87 11.42 -5.45
N LEU C 195 -15.32 11.91 -4.34
CA LEU C 195 -15.33 11.14 -3.10
C LEU C 195 -16.75 10.87 -2.64
N GLY C 196 -17.60 11.90 -2.67
CA GLY C 196 -18.95 11.74 -2.15
C GLY C 196 -19.78 10.78 -2.95
N LYS C 197 -19.45 10.60 -4.22
CA LYS C 197 -20.14 9.56 -4.99
C LYS C 197 -19.46 8.20 -4.84
N ALA C 198 -18.16 8.15 -4.58
CA ALA C 198 -17.52 6.87 -4.31
C ALA C 198 -17.80 6.33 -2.92
N ILE C 199 -18.39 7.13 -2.04
CA ILE C 199 -18.65 6.74 -0.66
C ILE C 199 -19.69 5.62 -0.53
N PRO C 200 -20.76 5.60 -1.33
CA PRO C 200 -21.67 4.44 -1.22
C PRO C 200 -20.99 3.06 -1.45
N GLY C 201 -20.31 2.91 -2.57
CA GLY C 201 -19.62 1.68 -2.86
C GLY C 201 -18.52 1.39 -1.86
N VAL C 202 -17.78 2.42 -1.48
CA VAL C 202 -16.71 2.25 -0.52
C VAL C 202 -17.25 1.82 0.82
N ALA C 203 -18.38 2.37 1.24
CA ALA C 203 -19.00 2.00 2.50
C ALA C 203 -19.42 0.56 2.43
N ASN C 204 -19.96 0.09 1.31
CA ASN C 204 -20.30 -1.32 1.22
C ASN C 204 -19.07 -2.20 1.35
N ALA C 205 -17.98 -1.80 0.72
CA ALA C 205 -16.76 -2.58 0.84
C ALA C 205 -16.28 -2.60 2.28
N PHE C 206 -16.37 -1.47 2.98
CA PHE C 206 -15.98 -1.41 4.36
C PHE C 206 -16.86 -2.29 5.19
N VAL C 207 -18.15 -2.34 4.93
CA VAL C 207 -19.02 -3.23 5.70
C VAL C 207 -18.65 -4.69 5.46
N ILE C 208 -18.30 -5.07 4.24
CA ILE C 208 -17.88 -6.47 4.04
C ILE C 208 -16.62 -6.73 4.81
N MET C 209 -15.68 -5.79 4.77
CA MET C 209 -14.45 -5.98 5.49
C MET C 209 -14.68 -6.05 6.97
N VAL C 210 -15.59 -5.24 7.50
CA VAL C 210 -15.89 -5.26 8.91
C VAL C 210 -16.48 -6.58 9.27
N ILE C 211 -17.36 -7.13 8.45
CA ILE C 211 -17.93 -8.43 8.79
C ILE C 211 -16.84 -9.47 8.82
N ILE C 212 -15.91 -9.46 7.87
CA ILE C 212 -14.82 -10.45 7.94
C ILE C 212 -13.95 -10.26 9.18
N MET C 213 -13.69 -9.02 9.55
CA MET C 213 -12.89 -8.76 10.73
C MET C 213 -13.61 -9.26 11.96
N CYS C 214 -14.92 -9.09 12.03
CA CYS C 214 -15.72 -9.58 13.14
C CYS C 214 -15.67 -11.06 13.19
N ILE C 215 -15.71 -11.73 12.04
CA ILE C 215 -15.60 -13.18 12.06
C ILE C 215 -14.26 -13.60 12.63
N TYR C 216 -13.18 -12.93 12.25
CA TYR C 216 -11.87 -13.25 12.81
C TYR C 216 -11.80 -12.96 14.30
N ALA C 217 -12.46 -11.92 14.74
CA ALA C 217 -12.55 -11.52 16.13
C ALA C 217 -13.25 -12.55 16.95
N ILE C 218 -14.26 -13.20 16.37
CA ILE C 218 -15.04 -14.26 17.04
C ILE C 218 -14.24 -15.54 17.18
N LEU C 219 -13.45 -15.88 16.17
CA LEU C 219 -12.56 -17.03 16.19
C LEU C 219 -11.34 -16.79 17.08
N GLY C 220 -10.83 -15.56 17.09
CA GLY C 220 -9.69 -15.25 17.93
C GLY C 220 -10.01 -15.36 19.41
N VAL C 221 -11.17 -14.84 19.82
CA VAL C 221 -11.57 -15.01 21.22
C VAL C 221 -11.83 -16.47 21.53
N GLU C 222 -12.35 -17.22 20.56
CA GLU C 222 -12.62 -18.62 20.81
C GLU C 222 -11.33 -19.39 21.04
N PHE C 223 -10.34 -19.19 20.20
CA PHE C 223 -9.10 -19.96 20.24
C PHE C 223 -8.07 -19.38 21.19
N TYR C 224 -7.63 -18.14 20.94
CA TYR C 224 -6.44 -17.58 21.57
C TYR C 224 -6.76 -16.73 22.78
N HIS C 225 -7.90 -16.91 23.42
CA HIS C 225 -8.17 -16.14 24.61
C HIS C 225 -7.54 -16.75 25.84
N MET C 226 -6.77 -17.83 25.70
CA MET C 226 -6.13 -18.46 26.85
C MET C 226 -4.63 -18.66 26.67
N THR C 227 -4.04 -18.11 25.61
CA THR C 227 -2.60 -18.21 25.43
C THR C 227 -1.88 -17.45 26.53
N GLY C 228 -0.74 -17.98 26.97
CA GLY C 228 0.03 -17.35 28.01
C GLY C 228 -0.49 -17.58 29.41
N SER C 229 -1.57 -18.34 29.57
CA SER C 229 -2.16 -18.59 30.87
C SER C 229 -1.17 -19.28 31.82
N TYR C 269 -1.94 -9.65 32.89
CA TYR C 269 -2.36 -9.87 31.52
C TYR C 269 -1.40 -10.76 30.76
N THR C 270 -1.94 -11.81 30.14
CA THR C 270 -1.17 -12.66 29.24
C THR C 270 -1.23 -12.05 27.84
N TYR C 271 -0.79 -12.80 26.82
CA TYR C 271 -1.07 -12.36 25.47
C TYR C 271 -2.51 -12.64 25.09
N GLY C 272 -3.04 -13.78 25.51
CA GLY C 272 -4.42 -14.12 25.29
C GLY C 272 -5.34 -13.11 25.95
N GLU C 273 -5.33 -13.07 27.27
CA GLU C 273 -6.21 -12.22 28.04
C GLU C 273 -6.15 -10.74 27.75
N GLU C 274 -5.25 -10.31 26.90
CA GLU C 274 -5.10 -8.90 26.57
C GLU C 274 -5.32 -8.60 25.10
N TYR C 275 -4.81 -9.42 24.20
CA TYR C 275 -4.95 -9.18 22.78
C TYR C 275 -6.13 -9.90 22.17
N TYR C 276 -6.62 -10.96 22.80
CA TYR C 276 -7.84 -11.64 22.39
C TYR C 276 -8.82 -11.83 23.52
N GLY C 277 -8.58 -11.17 24.65
CA GLY C 277 -9.43 -11.39 25.80
C GLY C 277 -10.94 -11.40 25.65
N THR C 278 -11.48 -10.40 24.94
CA THR C 278 -12.90 -10.31 24.64
C THR C 278 -13.05 -9.97 23.17
N PHE C 279 -14.29 -9.75 22.73
CA PHE C 279 -14.52 -9.58 21.30
C PHE C 279 -13.98 -8.26 20.80
N PHE C 280 -13.95 -7.23 21.65
CA PHE C 280 -13.48 -5.93 21.19
C PHE C 280 -11.98 -5.80 21.31
N ARG C 281 -11.35 -6.46 22.28
CA ARG C 281 -9.90 -6.55 22.29
C ARG C 281 -9.41 -7.31 21.06
N ALA C 282 -10.13 -8.34 20.64
CA ALA C 282 -9.73 -9.09 19.45
C ALA C 282 -9.99 -8.29 18.19
N LEU C 283 -11.14 -7.61 18.12
CA LEU C 283 -11.42 -6.77 16.96
C LEU C 283 -10.40 -5.65 16.82
N TYR C 284 -9.95 -5.11 17.95
CA TYR C 284 -8.96 -4.04 17.92
C TYR C 284 -7.57 -4.58 17.59
N THR C 285 -7.23 -5.76 18.09
CA THR C 285 -5.98 -6.42 17.69
C THR C 285 -5.94 -6.66 16.19
N LEU C 286 -7.04 -7.14 15.63
CA LEU C 286 -7.06 -7.39 14.19
C LEU C 286 -7.08 -6.10 13.40
N PHE C 287 -7.62 -5.01 13.94
CA PHE C 287 -7.53 -3.75 13.21
C PHE C 287 -6.11 -3.23 13.22
N GLN C 288 -5.42 -3.33 14.36
CA GLN C 288 -4.00 -2.99 14.37
C GLN C 288 -3.23 -3.81 13.35
N VAL C 289 -3.36 -5.14 13.41
CA VAL C 289 -2.69 -6.02 12.47
C VAL C 289 -3.02 -5.67 11.03
N LEU C 290 -4.27 -5.26 10.79
CA LEU C 290 -4.70 -4.93 9.43
C LEU C 290 -3.90 -3.76 8.87
N THR C 291 -3.62 -2.76 9.71
CA THR C 291 -2.85 -1.59 9.30
C THR C 291 -1.37 -1.74 9.62
N GLY C 292 -0.82 -2.96 9.56
CA GLY C 292 0.59 -3.15 9.74
C GLY C 292 1.25 -3.10 11.10
N GLU C 293 0.62 -3.66 12.12
CA GLU C 293 1.25 -3.75 13.43
C GLU C 293 1.85 -5.06 13.90
N SER C 294 2.56 -5.78 13.04
CA SER C 294 3.53 -6.79 13.48
C SER C 294 2.88 -7.86 14.36
N TRP C 295 2.03 -8.65 13.72
CA TRP C 295 1.42 -9.80 14.38
C TRP C 295 2.45 -10.79 14.89
N SER C 296 3.72 -10.65 14.53
CA SER C 296 4.71 -11.67 14.80
C SER C 296 4.95 -12.01 16.26
N GLU C 297 4.42 -11.19 17.19
CA GLU C 297 4.54 -11.55 18.60
C GLU C 297 3.44 -12.54 19.00
N ALA C 298 2.35 -12.59 18.24
CA ALA C 298 1.29 -13.54 18.53
C ALA C 298 1.74 -14.97 18.25
N VAL C 299 2.49 -15.15 17.19
CA VAL C 299 2.93 -16.47 16.74
C VAL C 299 4.31 -16.74 17.32
N ALA C 300 4.43 -17.81 18.10
CA ALA C 300 5.68 -18.19 18.73
C ALA C 300 6.34 -19.28 17.91
N ARG C 301 7.47 -18.94 17.29
CA ARG C 301 8.16 -19.90 16.43
C ARG C 301 8.53 -21.21 17.12
N PRO C 302 9.06 -21.22 18.36
CA PRO C 302 9.31 -22.51 19.00
C PRO C 302 8.08 -23.40 19.04
N ALA C 303 6.92 -22.84 19.40
CA ALA C 303 5.70 -23.63 19.49
C ALA C 303 5.20 -24.05 18.12
N VAL C 304 5.34 -23.18 17.12
CA VAL C 304 4.78 -23.48 15.81
C VAL C 304 5.62 -24.51 15.06
N PHE C 305 6.95 -24.40 15.15
CA PHE C 305 7.83 -25.25 14.37
C PHE C 305 8.47 -26.37 15.19
N GLU C 306 9.04 -26.04 16.35
CA GLU C 306 9.73 -27.05 17.15
C GLU C 306 8.76 -28.14 17.61
N SER C 307 7.54 -27.75 17.98
CA SER C 307 6.53 -28.73 18.38
C SER C 307 6.08 -29.54 17.16
N HIS C 308 5.14 -30.45 17.38
CA HIS C 308 4.68 -31.32 16.31
C HIS C 308 3.83 -30.53 15.31
N TYR C 309 3.32 -31.24 14.32
CA TYR C 309 2.70 -30.61 13.17
C TYR C 309 1.23 -30.29 13.44
N ASP C 310 0.86 -29.89 14.65
CA ASP C 310 -0.54 -29.63 14.96
C ASP C 310 -0.72 -28.17 15.38
N SER C 311 0.36 -27.42 15.58
CA SER C 311 0.28 -26.15 16.28
C SER C 311 0.47 -24.92 15.38
N PHE C 312 0.37 -25.06 14.07
CA PHE C 312 0.50 -23.91 13.17
C PHE C 312 -0.83 -23.24 12.90
N GLY C 313 -1.84 -23.48 13.77
CA GLY C 313 -3.09 -22.78 13.72
C GLY C 313 -2.99 -21.26 13.72
N PRO C 314 -2.23 -20.65 14.63
CA PRO C 314 -2.07 -19.19 14.59
C PRO C 314 -1.39 -18.69 13.34
N VAL C 315 -0.45 -19.45 12.79
CA VAL C 315 0.14 -19.09 11.50
C VAL C 315 -0.94 -19.03 10.44
N LEU C 316 -1.79 -20.05 10.39
CA LEU C 316 -2.86 -20.05 9.40
C LEU C 316 -3.83 -18.91 9.63
N PHE C 317 -4.18 -18.66 10.89
CA PHE C 317 -5.06 -17.56 11.27
C PHE C 317 -4.55 -16.23 10.72
N TYR C 318 -3.30 -15.91 11.03
CA TYR C 318 -2.79 -14.59 10.66
C TYR C 318 -2.45 -14.51 9.19
N VAL C 319 -2.00 -15.59 8.57
CA VAL C 319 -1.72 -15.56 7.14
C VAL C 319 -3.02 -15.37 6.36
N SER C 320 -4.06 -16.10 6.73
CA SER C 320 -5.34 -15.96 6.05
C SER C 320 -5.94 -14.58 6.28
N PHE C 321 -5.89 -14.08 7.53
CA PHE C 321 -6.39 -12.75 7.78
C PHE C 321 -5.65 -11.73 6.94
N ILE C 322 -4.32 -11.76 6.97
CA ILE C 322 -3.53 -10.81 6.20
C ILE C 322 -3.92 -10.86 4.74
N ILE C 323 -3.84 -12.04 4.13
CA ILE C 323 -4.17 -12.18 2.71
C ILE C 323 -5.55 -11.59 2.47
N ILE C 324 -6.59 -12.21 3.04
CA ILE C 324 -7.97 -11.85 2.71
C ILE C 324 -8.48 -10.47 3.06
N CYS C 325 -8.10 -9.96 4.21
CA CYS C 325 -8.48 -8.60 4.55
C CYS C 325 -7.46 -7.57 4.07
N GLN C 326 -6.22 -7.68 4.54
CA GLN C 326 -5.20 -6.70 4.17
C GLN C 326 -4.84 -6.59 2.69
N ILE C 327 -4.87 -7.70 1.96
CA ILE C 327 -4.50 -7.70 0.55
C ILE C 327 -5.64 -7.68 -0.46
N VAL C 328 -6.69 -8.47 -0.22
CA VAL C 328 -7.81 -8.55 -1.15
C VAL C 328 -8.84 -7.46 -0.84
N LEU C 329 -9.18 -7.27 0.44
CA LEU C 329 -10.30 -6.37 0.71
C LEU C 329 -9.87 -4.92 0.74
N ILE C 330 -8.65 -4.59 1.21
CA ILE C 330 -8.27 -3.20 1.09
C ILE C 330 -8.07 -2.84 -0.37
N ASN C 331 -7.62 -3.78 -1.20
CA ASN C 331 -7.54 -3.47 -2.62
C ASN C 331 -8.92 -3.47 -3.29
N VAL C 332 -9.91 -4.11 -2.70
CA VAL C 332 -11.28 -3.96 -3.17
C VAL C 332 -11.78 -2.55 -2.89
N VAL C 333 -11.46 -2.03 -1.70
CA VAL C 333 -11.81 -0.64 -1.40
C VAL C 333 -11.11 0.29 -2.38
N VAL C 334 -9.84 0.04 -2.65
CA VAL C 334 -9.11 0.81 -3.65
C VAL C 334 -9.82 0.75 -4.99
N ALA C 335 -10.19 -0.47 -5.43
CA ALA C 335 -10.81 -0.65 -6.74
C ALA C 335 -12.09 0.15 -6.87
N VAL C 336 -12.94 0.11 -5.84
CA VAL C 336 -14.14 0.94 -5.84
C VAL C 336 -13.77 2.41 -5.99
N LEU C 337 -12.79 2.85 -5.20
CA LEU C 337 -12.38 4.24 -5.23
C LEU C 337 -11.92 4.67 -6.62
N LEU C 338 -11.08 3.85 -7.25
CA LEU C 338 -10.53 4.21 -8.55
C LEU C 338 -11.60 4.16 -9.63
N ASP C 339 -12.48 3.17 -9.57
CA ASP C 339 -13.54 3.08 -10.58
C ASP C 339 -14.39 4.33 -10.55
N LYS C 340 -14.78 4.79 -9.36
CA LYS C 340 -15.59 6.00 -9.30
C LYS C 340 -14.78 7.24 -9.65
N MET C 341 -13.52 7.30 -9.20
CA MET C 341 -12.70 8.49 -9.42
C MET C 341 -12.36 8.67 -10.89
N VAL C 342 -12.29 7.59 -11.66
CA VAL C 342 -12.05 7.71 -13.09
C VAL C 342 -13.32 7.71 -13.92
N GLU C 343 -14.43 7.21 -13.38
CA GLU C 343 -15.71 7.31 -14.07
C GLU C 343 -16.23 8.74 -14.03
N GLU C 344 -16.10 9.38 -12.88
CA GLU C 344 -16.57 10.75 -12.71
C GLU C 344 -15.42 11.75 -12.75
N PRO D 49 1.14 -21.78 -31.93
CA PRO D 49 2.09 -21.25 -32.90
C PRO D 49 2.37 -22.24 -34.02
N PRO D 50 2.53 -21.76 -35.24
CA PRO D 50 2.80 -22.64 -36.37
C PRO D 50 4.29 -22.82 -36.59
N PRO D 51 4.73 -24.05 -36.82
CA PRO D 51 6.14 -24.28 -37.18
C PRO D 51 6.35 -24.03 -38.66
N ARG D 52 7.05 -22.94 -38.97
CA ARG D 52 7.24 -22.59 -40.37
C ARG D 52 8.69 -22.61 -40.81
N LYS D 53 9.64 -22.31 -39.92
CA LYS D 53 11.04 -22.30 -40.32
C LYS D 53 11.74 -23.63 -40.09
N VAL D 54 11.14 -24.52 -39.30
CA VAL D 54 11.80 -25.77 -38.90
C VAL D 54 11.47 -26.81 -39.96
N VAL D 55 12.27 -26.83 -41.04
CA VAL D 55 12.09 -27.86 -42.06
C VAL D 55 12.61 -29.19 -41.54
N PHE D 56 12.14 -30.27 -42.16
CA PHE D 56 12.25 -31.62 -41.59
C PHE D 56 13.40 -32.38 -42.26
N TRP D 57 14.51 -32.50 -41.54
CA TRP D 57 15.62 -33.36 -41.94
C TRP D 57 15.51 -34.76 -41.37
N LEU D 58 14.97 -34.88 -40.18
CA LEU D 58 14.96 -36.11 -39.41
C LEU D 58 13.86 -37.05 -39.91
N PRO D 59 14.04 -38.36 -39.71
CA PRO D 59 13.08 -39.31 -40.30
C PRO D 59 11.66 -39.14 -39.79
N HIS D 60 11.47 -39.03 -38.48
CA HIS D 60 10.14 -39.01 -37.90
C HIS D 60 9.75 -37.69 -37.28
N GLN D 61 10.35 -36.60 -37.77
CA GLN D 61 10.20 -35.32 -37.08
C GLN D 61 8.79 -34.79 -36.87
N ARG D 62 7.97 -34.81 -37.91
CA ARG D 62 6.62 -34.26 -37.79
C ARG D 62 5.79 -35.02 -36.78
N LYS D 63 6.10 -36.31 -36.57
CA LYS D 63 5.33 -37.11 -35.63
C LYS D 63 5.75 -36.82 -34.20
N VAL D 64 7.05 -36.93 -33.91
CA VAL D 64 7.56 -36.68 -32.57
C VAL D 64 7.31 -35.24 -32.15
N PHE D 65 7.36 -34.30 -33.10
CA PHE D 65 7.16 -32.90 -32.76
C PHE D 65 5.76 -32.68 -32.19
N ASP D 66 4.74 -32.97 -32.99
CA ASP D 66 3.38 -32.79 -32.50
C ASP D 66 3.01 -33.80 -31.42
N PHE D 67 3.82 -34.82 -31.19
CA PHE D 67 3.65 -35.62 -29.99
C PHE D 67 4.08 -34.83 -28.75
N TYR D 68 5.24 -34.20 -28.81
CA TYR D 68 5.70 -33.44 -27.65
C TYR D 68 4.80 -32.24 -27.40
N ALA D 69 4.40 -31.53 -28.45
CA ALA D 69 3.61 -30.32 -28.26
C ALA D 69 2.16 -30.60 -27.89
N SER D 70 1.76 -31.87 -27.81
CA SER D 70 0.39 -32.17 -27.43
C SER D 70 0.16 -31.80 -25.98
N GLN D 71 -1.09 -31.44 -25.67
CA GLN D 71 -1.42 -30.94 -24.34
C GLN D 71 -1.21 -32.01 -23.27
N GLY D 72 -1.35 -33.28 -23.64
CA GLY D 72 -1.09 -34.33 -22.67
C GLY D 72 0.35 -34.34 -22.20
N VAL D 73 1.30 -34.25 -23.13
CA VAL D 73 2.71 -34.23 -22.75
C VAL D 73 3.05 -32.94 -22.02
N GLN D 74 2.42 -31.83 -22.41
CA GLN D 74 2.65 -30.58 -21.69
C GLN D 74 2.22 -30.70 -20.25
N TYR D 75 1.07 -31.32 -19.97
CA TYR D 75 0.64 -31.41 -18.59
C TYR D 75 1.40 -32.49 -17.83
N PHE D 76 1.90 -33.53 -18.50
CA PHE D 76 2.77 -34.47 -17.82
C PHE D 76 4.10 -33.82 -17.44
N THR D 77 4.65 -33.00 -18.32
CA THR D 77 5.89 -32.31 -17.98
C THR D 77 5.66 -31.23 -16.95
N ALA D 78 4.47 -30.63 -16.92
CA ALA D 78 4.13 -29.75 -15.81
C ALA D 78 4.06 -30.51 -14.50
N PHE D 79 3.56 -31.74 -14.54
CA PHE D 79 3.59 -32.59 -13.36
C PHE D 79 5.02 -32.83 -12.91
N LEU D 80 5.92 -33.14 -13.83
CA LEU D 80 7.31 -33.40 -13.45
C LEU D 80 7.99 -32.15 -12.91
N ILE D 81 7.67 -30.99 -13.49
CA ILE D 81 8.26 -29.73 -13.01
C ILE D 81 7.80 -29.45 -11.59
N VAL D 82 6.50 -29.57 -11.33
CA VAL D 82 6.01 -29.26 -9.99
C VAL D 82 6.50 -30.28 -8.98
N SER D 83 6.59 -31.56 -9.36
CA SER D 83 7.11 -32.54 -8.42
C SER D 83 8.58 -32.33 -8.14
N ASN D 84 9.36 -31.88 -9.13
CA ASN D 84 10.77 -31.63 -8.85
C ASN D 84 10.95 -30.40 -7.98
N PHE D 85 10.11 -29.38 -8.18
CA PHE D 85 10.15 -28.23 -7.29
C PHE D 85 9.80 -28.63 -5.87
N ILE D 86 8.78 -29.48 -5.71
CA ILE D 86 8.41 -29.94 -4.38
C ILE D 86 9.49 -30.84 -3.80
N PHE D 87 10.27 -31.50 -4.65
CA PHE D 87 11.40 -32.28 -4.16
C PHE D 87 12.50 -31.37 -3.62
N ASN D 88 12.75 -30.25 -4.30
CA ASN D 88 13.70 -29.27 -3.79
C ASN D 88 13.24 -28.70 -2.45
N CYS D 89 11.96 -28.33 -2.37
CA CYS D 89 11.41 -27.81 -1.13
C CYS D 89 11.46 -28.85 -0.01
N ALA D 90 11.21 -30.11 -0.34
CA ALA D 90 11.29 -31.16 0.67
C ALA D 90 12.72 -31.37 1.15
N GLU D 91 13.70 -31.24 0.25
CA GLU D 91 15.08 -31.33 0.70
C GLU D 91 15.41 -30.20 1.64
N LYS D 92 14.94 -28.99 1.33
CA LYS D 92 15.27 -27.84 2.17
C LYS D 92 14.50 -27.83 3.49
N GLU D 93 13.37 -28.53 3.57
CA GLU D 93 12.63 -28.56 4.83
C GLU D 93 12.99 -29.75 5.70
N TRP D 94 13.00 -30.95 5.14
CA TRP D 94 13.24 -32.15 5.92
C TRP D 94 14.71 -32.52 6.03
N ASP D 95 15.59 -31.79 5.37
CA ASP D 95 17.01 -32.08 5.46
C ASP D 95 17.83 -30.88 5.02
N PRO D 96 17.80 -29.76 5.76
CA PRO D 96 18.52 -28.57 5.31
C PRO D 96 19.98 -28.52 5.72
N TYR D 97 20.43 -29.46 6.54
CA TYR D 97 21.77 -29.38 7.13
C TYR D 97 22.85 -29.52 6.06
N THR D 98 24.06 -29.09 6.43
CA THR D 98 25.19 -29.24 5.52
C THR D 98 25.65 -30.69 5.45
N ASP D 99 25.58 -31.41 6.56
CA ASP D 99 25.86 -32.84 6.59
C ASP D 99 24.52 -33.55 6.53
N GLN D 100 24.02 -33.73 5.31
CA GLN D 100 22.67 -34.21 5.11
C GLN D 100 22.50 -35.63 5.64
N LEU D 101 21.30 -35.94 6.13
CA LEU D 101 21.00 -37.29 6.58
C LEU D 101 20.76 -38.20 5.38
N TYR D 102 19.77 -37.84 4.58
CA TYR D 102 19.37 -38.67 3.51
C TYR D 102 19.99 -38.22 2.29
N GLN D 103 21.22 -37.80 2.36
CA GLN D 103 21.91 -37.42 1.17
C GLN D 103 21.64 -38.24 -0.06
N GLY D 104 21.99 -39.47 -0.03
CA GLY D 104 21.77 -40.33 -1.18
C GLY D 104 20.41 -40.10 -1.81
N LEU D 105 19.39 -39.91 -0.97
CA LEU D 105 18.04 -39.70 -1.49
C LEU D 105 18.00 -38.47 -2.39
N TRP D 106 18.46 -37.32 -1.89
CA TRP D 106 18.40 -36.11 -2.70
C TRP D 106 19.31 -36.21 -3.91
N ARG D 107 20.48 -36.82 -3.76
CA ARG D 107 21.40 -36.96 -4.88
C ARG D 107 20.76 -37.75 -6.01
N TRP D 108 20.29 -38.96 -5.71
CA TRP D 108 19.71 -39.79 -6.77
C TRP D 108 18.36 -39.25 -7.24
N GLY D 109 17.63 -38.54 -6.38
CA GLY D 109 16.37 -37.97 -6.81
C GLY D 109 16.55 -36.89 -7.84
N GLU D 110 17.49 -35.97 -7.58
CA GLU D 110 17.75 -34.96 -8.59
C GLU D 110 18.50 -35.53 -9.79
N PHE D 111 19.26 -36.61 -9.59
CA PHE D 111 19.80 -37.35 -10.72
C PHE D 111 18.68 -37.81 -11.65
N ALA D 112 17.66 -38.47 -11.09
CA ALA D 112 16.56 -38.99 -11.90
C ALA D 112 15.75 -37.88 -12.54
N PHE D 113 15.47 -36.82 -11.79
CA PHE D 113 14.71 -35.71 -12.37
C PHE D 113 15.49 -35.05 -13.49
N ASN D 114 16.80 -34.90 -13.32
CA ASN D 114 17.58 -34.25 -14.36
C ASN D 114 17.74 -35.13 -15.59
N THR D 115 17.84 -36.45 -15.43
CA THR D 115 17.91 -37.27 -16.64
C THR D 115 16.57 -37.31 -17.35
N MET D 116 15.47 -37.26 -16.59
CA MET D 116 14.17 -37.16 -17.24
C MET D 116 14.04 -35.85 -18.01
N PHE D 117 14.55 -34.75 -17.44
CA PHE D 117 14.47 -33.48 -18.16
C PHE D 117 15.43 -33.46 -19.34
N LEU D 118 16.55 -34.16 -19.25
CA LEU D 118 17.44 -34.30 -20.40
C LEU D 118 16.78 -35.09 -21.52
N ILE D 119 16.08 -36.17 -21.16
CA ILE D 119 15.33 -36.93 -22.16
C ILE D 119 14.25 -36.08 -22.79
N GLU D 120 13.56 -35.26 -21.98
CA GLU D 120 12.52 -34.40 -22.52
C GLU D 120 13.10 -33.36 -23.47
N LEU D 121 14.24 -32.77 -23.11
CA LEU D 121 14.86 -31.80 -24.00
C LEU D 121 15.33 -32.44 -25.28
N LEU D 122 15.83 -33.67 -25.21
CA LEU D 122 16.21 -34.37 -26.44
C LEU D 122 14.99 -34.66 -27.30
N ILE D 123 13.87 -35.07 -26.69
CA ILE D 123 12.64 -35.27 -27.44
C ILE D 123 12.25 -33.98 -28.15
N ASN D 124 12.27 -32.87 -27.43
CA ASN D 124 11.89 -31.58 -28.02
C ASN D 124 12.79 -31.23 -29.20
N PHE D 125 14.11 -31.29 -28.99
CA PHE D 125 15.03 -30.84 -30.02
C PHE D 125 15.04 -31.76 -31.22
N TYR D 126 14.86 -33.07 -31.00
CA TYR D 126 14.57 -33.97 -32.11
C TYR D 126 13.28 -33.53 -32.81
N GLY D 127 12.32 -33.02 -32.05
CA GLY D 127 11.08 -32.57 -32.65
C GLY D 127 11.26 -31.44 -33.64
N ILE D 128 12.14 -30.48 -33.31
CA ILE D 128 12.32 -29.36 -34.23
C ILE D 128 13.75 -29.29 -34.79
N ALA D 129 14.37 -30.45 -35.00
CA ALA D 129 15.65 -30.55 -35.72
C ALA D 129 16.80 -29.87 -34.98
N PHE D 130 16.80 -29.95 -33.65
CA PHE D 130 17.89 -29.50 -32.80
C PHE D 130 18.27 -28.05 -33.08
N CYS D 131 17.41 -27.30 -33.76
CA CYS D 131 17.72 -25.90 -34.06
C CYS D 131 17.48 -25.01 -32.84
N PHE D 132 16.26 -25.04 -32.31
CA PHE D 132 15.82 -24.30 -31.13
C PHE D 132 16.07 -22.80 -31.22
N TRP D 133 16.33 -22.32 -32.42
CA TRP D 133 16.41 -20.88 -32.61
C TRP D 133 15.19 -20.47 -33.46
N ARG D 134 14.69 -21.39 -34.29
CA ARG D 134 13.54 -21.08 -35.14
C ARG D 134 12.24 -21.11 -34.34
N TYR D 135 11.94 -22.24 -33.72
CA TYR D 135 10.68 -22.43 -33.00
C TYR D 135 10.92 -22.28 -31.50
N ASN D 136 10.18 -21.37 -30.87
CA ASN D 136 10.17 -21.22 -29.42
C ASN D 136 11.58 -20.99 -28.88
N TRP D 137 12.24 -19.98 -29.44
CA TRP D 137 13.67 -19.81 -29.17
C TRP D 137 13.93 -19.46 -27.71
N ALA D 138 13.05 -18.66 -27.10
CA ALA D 138 13.30 -18.22 -25.73
C ALA D 138 13.14 -19.37 -24.74
N TRP D 139 12.03 -20.10 -24.84
CA TRP D 139 11.80 -21.19 -23.88
C TRP D 139 12.76 -22.35 -24.16
N ASN D 140 13.08 -22.62 -25.42
CA ASN D 140 14.07 -23.65 -25.72
C ASN D 140 15.44 -23.25 -25.20
N THR D 141 15.77 -21.95 -25.24
CA THR D 141 17.04 -21.49 -24.68
C THR D 141 17.07 -21.68 -23.17
N PHE D 142 15.99 -21.31 -22.49
CA PHE D 142 15.93 -21.51 -21.05
C PHE D 142 16.01 -22.98 -20.68
N ASP D 143 15.31 -23.84 -21.43
CA ASP D 143 15.36 -25.27 -21.18
C ASP D 143 16.78 -25.79 -21.35
N LEU D 144 17.45 -25.38 -22.43
CA LEU D 144 18.82 -25.82 -22.66
C LEU D 144 19.73 -25.38 -21.54
N VAL D 145 19.58 -24.14 -21.10
CA VAL D 145 20.43 -23.61 -20.02
C VAL D 145 20.27 -24.46 -18.76
N VAL D 146 19.02 -24.66 -18.32
CA VAL D 146 18.81 -25.35 -17.06
C VAL D 146 19.25 -26.81 -17.16
N VAL D 147 19.00 -27.46 -18.31
CA VAL D 147 19.39 -28.85 -18.45
C VAL D 147 20.90 -28.99 -18.54
N ALA D 148 21.58 -28.02 -19.17
CA ALA D 148 23.03 -28.05 -19.21
C ALA D 148 23.61 -27.92 -17.82
N ILE D 149 23.13 -26.97 -17.03
CA ILE D 149 23.64 -26.80 -15.67
C ILE D 149 23.37 -28.06 -14.85
N GLY D 150 22.18 -28.63 -14.99
CA GLY D 150 21.86 -29.84 -14.26
C GLY D 150 22.77 -31.00 -14.61
N THR D 151 23.00 -31.23 -15.92
CA THR D 151 23.82 -32.36 -16.31
C THR D 151 25.28 -32.13 -15.95
N LEU D 152 25.72 -30.87 -15.92
CA LEU D 152 27.06 -30.56 -15.43
C LEU D 152 27.21 -30.96 -13.96
N THR D 153 26.26 -30.54 -13.13
CA THR D 153 26.29 -30.93 -11.73
C THR D 153 26.18 -32.44 -11.56
N MET D 154 25.40 -33.11 -12.42
CA MET D 154 25.30 -34.55 -12.35
C MET D 154 26.64 -35.23 -12.61
N ALA D 155 27.28 -34.86 -13.73
CA ALA D 155 28.56 -35.45 -14.10
C ALA D 155 29.60 -35.21 -13.02
N GLU D 156 29.63 -34.01 -12.44
CA GLU D 156 30.61 -33.76 -11.39
C GLU D 156 30.26 -34.45 -10.09
N ALA D 157 28.97 -34.61 -9.77
CA ALA D 157 28.61 -35.22 -8.50
C ALA D 157 28.85 -36.72 -8.51
N ILE D 158 28.78 -37.35 -9.67
CA ILE D 158 29.05 -38.79 -9.72
C ILE D 158 30.51 -39.07 -10.07
N GLY D 159 31.13 -38.25 -10.92
CA GLY D 159 32.50 -38.52 -11.34
C GLY D 159 33.52 -37.46 -10.99
N GLY D 160 33.42 -36.87 -9.80
CA GLY D 160 34.45 -35.96 -9.33
C GLY D 160 34.19 -34.51 -9.74
N ASN D 161 34.49 -33.60 -8.83
CA ASN D 161 34.23 -32.19 -9.03
C ASN D 161 35.29 -31.59 -9.95
N PHE D 162 34.95 -31.48 -11.23
CA PHE D 162 35.88 -30.89 -12.19
C PHE D 162 35.95 -29.37 -12.04
N MET D 163 34.78 -28.71 -11.70
CA MET D 163 34.74 -27.26 -11.63
C MET D 163 35.19 -26.78 -10.25
N PRO D 164 35.51 -25.49 -10.11
CA PRO D 164 35.85 -24.98 -8.78
C PRO D 164 34.65 -25.06 -7.86
N PRO D 165 34.88 -25.13 -6.55
CA PRO D 165 33.75 -25.18 -5.61
C PRO D 165 33.04 -23.84 -5.45
N SER D 166 33.72 -22.72 -5.65
CA SER D 166 33.07 -21.42 -5.55
C SER D 166 32.15 -21.13 -6.73
N MET D 167 32.16 -21.99 -7.73
CA MET D 167 31.16 -22.04 -8.80
C MET D 167 29.82 -22.56 -8.27
N ALA D 168 29.81 -23.11 -7.05
CA ALA D 168 28.67 -23.82 -6.50
C ALA D 168 27.39 -23.00 -6.49
N LEU D 169 27.47 -21.68 -6.70
CA LEU D 169 26.25 -20.89 -6.76
C LEU D 169 25.32 -21.41 -7.85
N ILE D 170 25.88 -21.89 -8.96
CA ILE D 170 25.02 -22.40 -10.03
C ILE D 170 24.31 -23.67 -9.62
N ARG D 171 24.83 -24.40 -8.63
CA ARG D 171 24.16 -25.59 -8.11
C ARG D 171 22.89 -25.19 -7.37
N ASN D 172 22.54 -23.91 -7.40
CA ASN D 172 21.29 -23.43 -6.84
C ASN D 172 20.31 -22.95 -7.91
N LEU D 173 20.56 -23.25 -9.18
CA LEU D 173 19.58 -22.88 -10.19
C LEU D 173 18.53 -23.95 -10.43
N ARG D 174 18.64 -25.12 -9.78
CA ARG D 174 17.58 -26.11 -9.89
C ARG D 174 16.23 -25.49 -9.57
N ALA D 175 16.17 -24.66 -8.53
CA ALA D 175 14.92 -24.04 -8.11
C ALA D 175 14.24 -23.29 -9.24
N PHE D 176 14.98 -22.85 -10.25
CA PHE D 176 14.39 -22.04 -11.30
C PHE D 176 13.79 -22.86 -12.43
N ARG D 177 13.99 -24.18 -12.43
CA ARG D 177 13.28 -25.01 -13.40
C ARG D 177 11.78 -24.79 -13.33
N ILE D 178 11.26 -24.44 -12.14
CA ILE D 178 9.83 -24.20 -11.98
C ILE D 178 9.32 -23.12 -12.91
N PHE D 179 10.19 -22.21 -13.36
CA PHE D 179 9.71 -21.16 -14.25
C PHE D 179 9.20 -21.73 -15.56
N ARG D 180 9.66 -22.93 -15.94
CA ARG D 180 9.17 -23.55 -17.16
C ARG D 180 7.70 -23.88 -17.05
N LEU D 181 7.21 -24.09 -15.83
CA LEU D 181 5.78 -24.29 -15.61
C LEU D 181 4.98 -23.11 -16.15
N PHE D 182 5.51 -21.90 -16.05
CA PHE D 182 4.79 -20.74 -16.54
C PHE D 182 4.61 -20.76 -18.05
N LYS D 183 5.05 -21.81 -18.72
CA LYS D 183 4.81 -21.98 -20.14
C LYS D 183 3.66 -22.94 -20.42
N ARG D 184 3.43 -23.92 -19.54
CA ARG D 184 2.40 -24.92 -19.74
C ARG D 184 1.05 -24.48 -19.22
N ILE D 185 1.00 -24.02 -17.96
CA ILE D 185 -0.25 -23.57 -17.36
C ILE D 185 -0.58 -22.20 -17.93
N LYS D 186 -1.57 -22.13 -18.81
CA LYS D 186 -1.85 -20.89 -19.52
C LYS D 186 -2.48 -19.82 -18.65
N SER D 187 -3.06 -20.18 -17.51
CA SER D 187 -3.51 -19.15 -16.57
C SER D 187 -2.32 -18.44 -15.95
N LEU D 188 -1.19 -19.12 -15.81
CA LEU D 188 0.03 -18.50 -15.35
C LEU D 188 0.78 -17.81 -16.47
N ASN D 189 0.81 -18.42 -17.66
CA ASN D 189 1.46 -17.77 -18.80
C ASN D 189 0.77 -16.47 -19.16
N LYS D 190 -0.52 -16.37 -18.90
CA LYS D 190 -1.24 -15.12 -19.14
C LYS D 190 -0.68 -14.00 -18.26
N ILE D 191 -0.64 -14.23 -16.95
CA ILE D 191 -0.10 -13.24 -16.03
C ILE D 191 1.36 -12.94 -16.37
N ILE D 192 2.11 -13.95 -16.77
CA ILE D 192 3.52 -13.72 -17.05
C ILE D 192 3.74 -12.93 -18.32
N VAL D 193 2.92 -13.10 -19.35
CA VAL D 193 3.10 -12.25 -20.51
C VAL D 193 2.65 -10.83 -20.22
N SER D 194 1.58 -10.65 -19.45
CA SER D 194 1.19 -9.30 -19.06
C SER D 194 2.31 -8.61 -18.27
N LEU D 195 2.93 -9.33 -17.35
CA LEU D 195 4.07 -8.80 -16.61
C LEU D 195 5.23 -8.47 -17.54
N GLY D 196 5.52 -9.37 -18.47
CA GLY D 196 6.67 -9.18 -19.33
C GLY D 196 6.52 -8.00 -20.27
N LYS D 197 5.27 -7.63 -20.58
CA LYS D 197 5.08 -6.42 -21.35
C LYS D 197 5.00 -5.18 -20.47
N ALA D 198 4.56 -5.31 -19.21
CA ALA D 198 4.58 -4.17 -18.30
C ALA D 198 5.97 -3.87 -17.76
N ILE D 199 6.94 -4.75 -17.98
CA ILE D 199 8.30 -4.58 -17.44
C ILE D 199 9.04 -3.40 -18.06
N PRO D 200 8.89 -3.11 -19.36
CA PRO D 200 9.57 -1.90 -19.88
C PRO D 200 9.17 -0.58 -19.15
N GLY D 201 7.88 -0.29 -19.11
CA GLY D 201 7.40 0.90 -18.43
C GLY D 201 7.71 0.89 -16.96
N VAL D 202 7.56 -0.25 -16.32
CA VAL D 202 7.84 -0.36 -14.90
C VAL D 202 9.30 -0.12 -14.62
N ALA D 203 10.18 -0.63 -15.49
CA ALA D 203 11.61 -0.42 -15.34
C ALA D 203 11.90 1.05 -15.47
N ASN D 204 11.27 1.75 -16.40
CA ASN D 204 11.52 3.19 -16.50
C ASN D 204 11.09 3.90 -15.22
N ALA D 205 9.95 3.51 -14.66
CA ALA D 205 9.52 4.13 -13.43
C ALA D 205 10.51 3.85 -12.31
N PHE D 206 11.02 2.63 -12.25
CA PHE D 206 12.00 2.28 -11.24
C PHE D 206 13.24 3.08 -11.43
N VAL D 207 13.69 3.32 -12.66
CA VAL D 207 14.88 4.14 -12.86
C VAL D 207 14.64 5.57 -12.40
N ILE D 208 13.44 6.13 -12.63
CA ILE D 208 13.22 7.48 -12.12
C ILE D 208 13.26 7.47 -10.61
N MET D 209 12.65 6.46 -10.00
CA MET D 209 12.65 6.39 -8.56
C MET D 209 14.05 6.21 -8.03
N VAL D 210 14.87 5.42 -8.69
CA VAL D 210 16.23 5.22 -8.25
C VAL D 210 16.99 6.51 -8.34
N ILE D 211 16.79 7.29 -9.40
CA ILE D 211 17.49 8.55 -9.48
C ILE D 211 17.08 9.45 -8.34
N ILE D 212 15.79 9.52 -8.02
CA ILE D 212 15.40 10.37 -6.90
C ILE D 212 15.98 9.87 -5.58
N MET D 213 16.03 8.56 -5.39
CA MET D 213 16.60 8.00 -4.19
C MET D 213 18.07 8.34 -4.11
N CYS D 214 18.79 8.30 -5.22
CA CYS D 214 20.19 8.65 -5.28
C CYS D 214 20.39 10.08 -4.93
N ILE D 215 19.52 10.96 -5.39
CA ILE D 215 19.66 12.36 -5.02
C ILE D 215 19.50 12.52 -3.52
N TYR D 216 18.52 11.84 -2.94
CA TYR D 216 18.36 11.91 -1.51
C TYR D 216 19.55 11.33 -0.79
N ALA D 217 20.13 10.25 -1.29
CA ALA D 217 21.28 9.64 -0.67
C ALA D 217 22.41 10.59 -0.64
N ILE D 218 22.65 11.30 -1.74
CA ILE D 218 23.73 12.27 -1.78
C ILE D 218 23.47 13.36 -0.75
N LEU D 219 22.26 13.86 -0.72
CA LEU D 219 21.96 14.92 0.24
C LEU D 219 22.09 14.43 1.65
N GLY D 220 21.61 13.23 1.93
CA GLY D 220 21.65 12.71 3.26
C GLY D 220 23.07 12.55 3.69
N VAL D 221 23.93 12.03 2.83
CA VAL D 221 25.32 11.87 3.22
C VAL D 221 25.98 13.18 3.47
N GLU D 222 25.67 14.17 2.65
CA GLU D 222 26.21 15.50 2.79
C GLU D 222 25.81 16.17 4.07
N PHE D 223 24.56 16.01 4.48
CA PHE D 223 24.07 16.68 5.67
C PHE D 223 24.21 15.93 6.97
N TYR D 224 23.57 14.77 7.03
CA TYR D 224 23.44 13.98 8.24
C TYR D 224 24.54 12.96 8.42
N HIS D 225 25.69 13.16 7.80
CA HIS D 225 26.78 12.21 8.01
C HIS D 225 27.57 12.53 9.25
N MET D 226 27.15 13.53 10.04
CA MET D 226 27.87 13.87 11.26
C MET D 226 26.96 13.94 12.49
N THR D 227 25.71 13.53 12.38
CA THR D 227 24.83 13.52 13.54
C THR D 227 25.33 12.50 14.55
N GLY D 228 25.16 12.83 15.83
CA GLY D 228 25.59 11.94 16.89
C GLY D 228 27.08 11.97 17.18
N SER D 229 27.85 12.79 16.46
CA SER D 229 29.28 12.87 16.65
C SER D 229 29.65 13.27 18.07
N TYR D 269 29.99 3.75 16.21
CA TYR D 269 29.06 4.24 15.22
C TYR D 269 28.01 5.16 15.83
N THR D 270 27.86 6.34 15.25
CA THR D 270 26.79 7.25 15.62
C THR D 270 25.56 6.92 14.77
N TYR D 271 24.55 7.79 14.78
CA TYR D 271 23.49 7.63 13.80
C TYR D 271 23.93 8.12 12.44
N GLY D 272 24.68 9.21 12.40
CA GLY D 272 25.24 9.72 11.18
C GLY D 272 26.16 8.72 10.53
N GLU D 273 27.28 8.46 11.17
CA GLU D 273 28.30 7.57 10.64
C GLU D 273 27.75 6.28 10.09
N GLU D 274 26.74 5.72 10.72
CA GLU D 274 26.15 4.46 10.29
C GLU D 274 24.97 4.45 9.32
N TYR D 275 24.03 5.37 9.47
CA TYR D 275 22.87 5.39 8.60
C TYR D 275 23.03 6.33 7.42
N TYR D 276 23.92 7.32 7.52
CA TYR D 276 24.26 8.18 6.40
C TYR D 276 25.75 8.28 6.15
N GLY D 277 26.51 7.38 6.76
CA GLY D 277 27.96 7.48 6.66
C GLY D 277 28.60 7.68 5.31
N THR D 278 28.18 6.90 4.32
CA THR D 278 28.64 7.00 2.94
C THR D 278 27.42 6.95 2.02
N PHE D 279 27.66 6.94 0.72
CA PHE D 279 26.56 7.05 -0.21
C PHE D 279 25.72 5.79 -0.22
N PHE D 280 26.32 4.63 0.02
CA PHE D 280 25.55 3.40 -0.04
C PHE D 280 24.87 3.09 1.28
N ARG D 281 25.45 3.49 2.41
CA ARG D 281 24.71 3.43 3.67
C ARG D 281 23.49 4.33 3.61
N ALA D 282 23.61 5.50 2.97
CA ALA D 282 22.47 6.39 2.87
C ALA D 282 21.45 5.87 1.89
N LEU D 283 21.90 5.34 0.75
CA LEU D 283 20.97 4.75 -0.21
C LEU D 283 20.22 3.58 0.39
N TYR D 284 20.90 2.80 1.23
CA TYR D 284 20.27 1.66 1.88
C TYR D 284 19.32 2.09 2.99
N THR D 285 19.69 3.12 3.74
CA THR D 285 18.78 3.71 4.73
C THR D 285 17.50 4.20 4.07
N LEU D 286 17.63 4.89 2.95
CA LEU D 286 16.44 5.40 2.27
C LEU D 286 15.64 4.27 1.63
N PHE D 287 16.28 3.17 1.23
CA PHE D 287 15.48 2.06 0.73
C PHE D 287 14.71 1.39 1.86
N GLN D 288 15.34 1.22 3.02
CA GLN D 288 14.59 0.73 4.18
C GLN D 288 13.40 1.64 4.47
N VAL D 289 13.66 2.94 4.62
CA VAL D 289 12.60 3.91 4.90
C VAL D 289 11.51 3.85 3.84
N LEU D 290 11.90 3.62 2.58
CA LEU D 290 10.93 3.58 1.50
C LEU D 290 9.92 2.46 1.70
N THR D 291 10.39 1.30 2.17
CA THR D 291 9.54 0.16 2.42
C THR D 291 9.05 0.08 3.86
N GLY D 292 8.85 1.23 4.50
CA GLY D 292 8.30 1.24 5.84
C GLY D 292 9.11 0.88 7.06
N GLU D 293 10.36 1.31 7.12
CA GLU D 293 11.16 1.10 8.33
C GLU D 293 11.39 2.25 9.29
N SER D 294 10.35 3.01 9.62
CA SER D 294 10.34 3.82 10.83
C SER D 294 11.54 4.78 10.90
N TRP D 295 11.51 5.76 10.01
CA TRP D 295 12.50 6.83 10.02
C TRP D 295 12.50 7.64 11.31
N SER D 296 11.55 7.38 12.22
CA SER D 296 11.35 8.24 13.37
C SER D 296 12.51 8.28 14.35
N GLU D 297 13.49 7.38 14.21
CA GLU D 297 14.68 7.47 15.06
C GLU D 297 15.68 8.48 14.51
N ALA D 298 15.60 8.78 13.21
CA ALA D 298 16.48 9.77 12.62
C ALA D 298 16.16 11.16 13.11
N VAL D 299 14.88 11.46 13.28
CA VAL D 299 14.41 12.78 13.68
C VAL D 299 14.23 12.80 15.18
N ALA D 300 14.94 13.69 15.85
CA ALA D 300 14.87 13.82 17.29
C ALA D 300 13.94 14.97 17.66
N ARG D 301 12.79 14.63 18.26
CA ARG D 301 11.81 15.65 18.59
C ARG D 301 12.34 16.76 19.48
N PRO D 302 13.13 16.49 20.54
CA PRO D 302 13.68 17.63 21.30
C PRO D 302 14.43 18.61 20.43
N ALA D 303 15.27 18.12 19.53
CA ALA D 303 16.06 19.01 18.68
C ALA D 303 15.18 19.72 17.66
N VAL D 304 14.17 19.03 17.12
CA VAL D 304 13.37 19.61 16.05
C VAL D 304 12.41 20.66 16.59
N PHE D 305 11.79 20.40 17.75
CA PHE D 305 10.76 21.28 18.27
C PHE D 305 11.24 22.16 19.41
N GLU D 306 11.91 21.57 20.42
CA GLU D 306 12.35 22.34 21.57
C GLU D 306 13.34 23.43 21.16
N SER D 307 14.24 23.12 20.24
CA SER D 307 15.19 24.11 19.75
C SER D 307 14.46 25.16 18.91
N HIS D 308 15.23 26.11 18.39
CA HIS D 308 14.64 27.20 17.63
C HIS D 308 14.15 26.69 16.28
N TYR D 309 13.62 27.63 15.48
CA TYR D 309 12.90 27.27 14.27
C TYR D 309 13.86 27.09 13.09
N ASP D 310 15.02 26.47 13.29
CA ASP D 310 15.99 26.33 12.21
C ASP D 310 16.30 24.86 12.01
N SER D 311 15.84 23.97 12.89
CA SER D 311 16.34 22.60 12.93
C SER D 311 15.36 21.55 12.43
N PHE D 312 14.29 21.93 11.72
CA PHE D 312 13.35 20.95 11.19
C PHE D 312 13.75 20.48 9.80
N GLY D 313 15.02 20.67 9.41
CA GLY D 313 15.55 20.12 8.20
C GLY D 313 15.35 18.63 8.01
N PRO D 314 15.68 17.79 8.99
CA PRO D 314 15.41 16.36 8.84
C PRO D 314 13.95 16.01 8.72
N VAL D 315 13.07 16.76 9.40
CA VAL D 315 11.63 16.57 9.19
C VAL D 315 11.28 16.81 7.74
N LEU D 316 11.78 17.91 7.17
CA LEU D 316 11.48 18.20 5.77
C LEU D 316 12.05 17.13 4.86
N PHE D 317 13.29 16.71 5.13
CA PHE D 317 13.94 15.65 4.37
C PHE D 317 13.08 14.40 4.30
N TYR D 318 12.68 13.90 5.46
CA TYR D 318 11.97 12.63 5.48
C TYR D 318 10.53 12.77 5.02
N VAL D 319 9.88 13.89 5.30
CA VAL D 319 8.51 14.09 4.83
C VAL D 319 8.48 14.17 3.31
N SER D 320 9.42 14.94 2.73
CA SER D 320 9.48 15.05 1.28
C SER D 320 9.84 13.72 0.65
N PHE D 321 10.83 13.00 1.20
CA PHE D 321 11.17 11.70 0.66
C PHE D 321 9.97 10.78 0.68
N ILE D 322 9.32 10.67 1.84
CA ILE D 322 8.16 9.79 1.97
C ILE D 322 7.12 10.13 0.93
N ILE D 323 6.68 11.39 0.90
CA ILE D 323 5.65 11.82 -0.04
C ILE D 323 6.08 11.43 -1.44
N ILE D 324 7.16 12.05 -1.94
CA ILE D 324 7.56 11.90 -3.34
C ILE D 324 7.98 10.53 -3.85
N CYS D 325 8.83 9.85 -3.10
CA CYS D 325 9.18 8.49 -3.49
C CYS D 325 8.07 7.52 -3.12
N GLN D 326 7.81 7.34 -1.82
CA GLN D 326 6.86 6.31 -1.43
C GLN D 326 5.51 6.51 -2.08
N ILE D 327 4.86 7.62 -1.94
CA ILE D 327 3.45 7.74 -2.29
C ILE D 327 3.48 7.88 -3.80
N VAL D 328 4.06 8.97 -4.30
CA VAL D 328 3.86 9.33 -5.69
C VAL D 328 4.53 8.32 -6.61
N LEU D 329 5.79 7.94 -6.32
CA LEU D 329 6.51 7.14 -7.29
C LEU D 329 6.16 5.66 -7.17
N ILE D 330 5.91 5.13 -5.96
CA ILE D 330 5.47 3.74 -5.95
C ILE D 330 4.08 3.63 -6.55
N ASN D 331 3.24 4.66 -6.42
CA ASN D 331 1.96 4.59 -7.10
C ASN D 331 2.09 4.86 -8.60
N VAL D 332 3.16 5.50 -9.04
CA VAL D 332 3.44 5.56 -10.48
C VAL D 332 3.80 4.19 -11.01
N VAL D 333 4.60 3.43 -10.26
CA VAL D 333 4.90 2.05 -10.66
C VAL D 333 3.61 1.25 -10.71
N VAL D 334 2.76 1.41 -9.70
CA VAL D 334 1.45 0.76 -9.72
C VAL D 334 0.68 1.14 -10.97
N ALA D 335 0.62 2.44 -11.28
CA ALA D 335 -0.17 2.92 -12.42
C ALA D 335 0.30 2.28 -13.72
N VAL D 336 1.61 2.23 -13.93
CA VAL D 336 2.15 1.54 -15.11
C VAL D 336 1.68 0.10 -15.13
N LEU D 337 1.81 -0.58 -13.99
CA LEU D 337 1.43 -1.99 -13.89
C LEU D 337 -0.02 -2.20 -14.26
N LEU D 338 -0.92 -1.37 -13.70
CA LEU D 338 -2.35 -1.55 -13.95
C LEU D 338 -2.71 -1.20 -15.38
N ASP D 339 -2.12 -0.14 -15.92
CA ASP D 339 -2.42 0.23 -17.30
C ASP D 339 -2.08 -0.92 -18.24
N LYS D 340 -0.91 -1.53 -18.06
CA LYS D 340 -0.57 -2.65 -18.95
C LYS D 340 -1.41 -3.88 -18.65
N MET D 341 -1.68 -4.15 -17.37
CA MET D 341 -2.40 -5.35 -16.99
C MET D 341 -3.85 -5.31 -17.46
N VAL D 342 -4.44 -4.12 -17.58
CA VAL D 342 -5.79 -4.01 -18.10
C VAL D 342 -5.84 -3.73 -19.59
N GLU D 343 -4.76 -3.21 -20.19
CA GLU D 343 -4.72 -3.06 -21.63
C GLU D 343 -4.55 -4.41 -22.30
N GLU D 344 -3.70 -5.26 -21.75
CA GLU D 344 -3.45 -6.58 -22.30
C GLU D 344 -4.18 -7.67 -21.53
#